data_3W5N
#
_entry.id   3W5N
#
_cell.length_a   53.063
_cell.length_b   128.559
_cell.length_c   75.260
_cell.angle_alpha   90.00
_cell.angle_beta   99.85
_cell.angle_gamma   90.00
#
_symmetry.space_group_name_H-M   'P 1 21 1'
#
loop_
_entity.id
_entity.type
_entity.pdbx_description
1 polymer 'Putative rhamnosidase'
2 non-polymer 'CALCIUM ION'
3 non-polymer alpha-L-rhamnopyranose
4 non-polymer (4S)-2-METHYL-2,4-PENTANEDIOL
5 non-polymer 'SODIUM ION'
6 water water
#
_entity_poly.entity_id   1
_entity_poly.type   'polypeptide(L)'
_entity_poly.pdbx_seq_one_letter_code
;MSALRVTSPSVEYVQRPLGLDAAHPRLSWPMASAAPGRRQSAYQVRVASSAAGLSHPDVWDSGKVVSDDSVLVPYAGPPL
KPRTRYFWSVRVWDADGGASEWSAPSWWETGLMGASQWSAKWISAPAPLTEAPSLEGSSWIWFPEGEPANSAPAATRWFR
RTVDLPDDITGATLAISADNVYAVSVDGAEVARTDLEADNEGWRRPAVIDVLDHVHSGNNTLAVSASNASVGPAGWICVL
VLTTASGEKKIFSDASWKSTDHEPADGWREPDFDDSGWPAAKVAAAWGAGPWGRVAPVASAANQLRHEFRLPHKKVSRAR
LYATALGLYEAHLNGRRVGRDQLAPGWTDYRKRVQYQTYDVTSSVRPGANALAAYVAPGWYAGNVGMFGPHQYGERPALL
AQLEVEYADGTSERITSGPDWRAASGPIVSADLLSGETYDARKETAGWTSPGFDDRAWLAVRGADNDVPEQIVAQVDGPV
RIAKELPARKVTEPKPGVFVLDLGQNMVGSVRLRVSGDAGTTVRLRHAEVLNPDGTIYTANLRSAAATDTYTLKGQGEET
YEPRFTFHGFRYVEVTGFPGKPSTTSVTGRVMHTSAPFTFEFETNVPMLNKLHSNITWGQRGNFLSVPTDTPARDERLGW
TGDINVFAPTAAYTMESARFLTKWLVDLRDAQTSDGAFTDVAPAVGNLGNGVAGWGDAGVTVPWALYQAYGDRQVLADAL
PSVHAWLRYLEKHSDGLLRPADGYGDWLNVSDETPKDVIATAYFAHSADLAARMATELGKDAAPYTDLFTRIRKAFQTAY
VASDGKVKGDTQSAYVLTLSMNLVPDALRKAAADRLVALIEAKDWHLSTGFLGTPRLLPVLTDTGHTDVAYRLLHQRTFP
SWGYPIDKGSTTMWERWDSIQPDGGFQTPEMNSFNHYAYGSVGEWMYANIAGIAPGRAGYRQVVIRPRPGGEVTSARATF
ASLHGPVSTRWQQRSGGFVLTCSVPPNTTAEVWIPADHPDRVQHTHGTFVRAEDGCAVFEVGSGSHRFTVKLAAALEHHH
HHH
;
_entity_poly.pdbx_strand_id   A
#
loop_
_chem_comp.id
_chem_comp.type
_chem_comp.name
_chem_comp.formula
CA non-polymer 'CALCIUM ION' 'Ca 2'
MPD non-polymer (4S)-2-METHYL-2,4-PENTANEDIOL 'C6 H14 O2'
NA non-polymer 'SODIUM ION' 'Na 1'
RAM L-saccharide, alpha linking alpha-L-rhamnopyranose 'C6 H12 O5'
#
# COMPACT_ATOMS: atom_id res chain seq x y z
N ALA A 3 25.80 -3.09 -35.19
CA ALA A 3 26.62 -2.52 -34.09
C ALA A 3 25.83 -2.47 -32.77
N LEU A 4 26.40 -1.75 -31.80
CA LEU A 4 25.84 -1.62 -30.46
C LEU A 4 25.06 -0.31 -30.40
N ARG A 5 23.82 -0.34 -29.90
CA ARG A 5 23.06 0.89 -29.77
C ARG A 5 22.42 1.00 -28.39
N VAL A 6 22.23 2.22 -27.91
CA VAL A 6 21.58 2.42 -26.61
C VAL A 6 20.06 2.44 -26.82
N THR A 7 19.33 1.66 -26.01
CA THR A 7 17.87 1.65 -26.07
C THR A 7 17.29 2.04 -24.71
N SER A 8 16.24 2.84 -24.71
CA SER A 8 15.52 3.19 -23.48
C SER A 8 16.41 3.68 -22.32
N PRO A 9 17.18 4.76 -22.53
CA PRO A 9 17.97 5.22 -21.38
C PRO A 9 17.05 5.77 -20.30
N SER A 10 17.46 5.65 -19.05
CA SER A 10 16.62 6.06 -17.94
C SER A 10 17.41 6.81 -16.89
N VAL A 11 16.69 7.48 -16.01
CA VAL A 11 17.26 8.22 -14.90
C VAL A 11 16.47 7.82 -13.67
N GLU A 12 17.16 7.36 -12.63
CA GLU A 12 16.48 6.93 -11.42
C GLU A 12 15.32 5.96 -11.73
N TYR A 13 15.62 4.99 -12.60
CA TYR A 13 14.72 3.88 -12.98
C TYR A 13 13.57 4.23 -13.92
N VAL A 14 13.46 5.48 -14.34
CA VAL A 14 12.31 5.86 -15.18
C VAL A 14 12.76 6.66 -16.39
N GLN A 15 11.93 6.66 -17.44
CA GLN A 15 12.15 7.59 -18.54
C GLN A 15 11.57 8.97 -18.14
N ARG A 16 12.36 10.02 -18.36
CA ARG A 16 11.88 11.41 -18.20
C ARG A 16 11.25 11.73 -16.83
N PRO A 17 12.00 11.51 -15.74
CA PRO A 17 11.40 11.88 -14.45
C PRO A 17 11.17 13.39 -14.36
N LEU A 18 10.04 13.78 -13.79
CA LEU A 18 9.65 15.17 -13.63
C LEU A 18 9.57 15.47 -12.14
N GLY A 19 10.34 16.46 -11.69
CA GLY A 19 10.36 16.79 -10.27
C GLY A 19 11.27 15.84 -9.48
N LEU A 20 12.46 15.56 -10.03
CA LEU A 20 13.44 14.70 -9.39
C LEU A 20 14.47 15.56 -8.67
N ASP A 21 14.58 15.39 -7.36
CA ASP A 21 15.43 16.27 -6.56
C ASP A 21 16.82 15.70 -6.22
N ALA A 22 17.15 14.51 -6.73
CA ALA A 22 18.45 13.88 -6.48
C ALA A 22 19.59 14.81 -6.90
N ALA A 23 20.59 15.01 -6.03
CA ALA A 23 21.80 15.77 -6.40
C ALA A 23 22.62 15.05 -7.48
N HIS A 24 22.63 13.71 -7.43
CA HIS A 24 23.40 12.88 -8.36
C HIS A 24 22.55 11.78 -8.99
N PRO A 25 21.57 12.19 -9.82
CA PRO A 25 20.67 11.20 -10.43
C PRO A 25 21.44 10.12 -11.17
N ARG A 26 20.97 8.89 -11.06
CA ARG A 26 21.67 7.74 -11.62
C ARG A 26 21.12 7.35 -12.99
N LEU A 27 22.02 7.33 -13.97
CA LEU A 27 21.68 7.12 -15.37
C LEU A 27 21.93 5.68 -15.79
N SER A 28 21.06 5.13 -16.65
CA SER A 28 21.25 3.77 -17.12
C SER A 28 21.09 3.73 -18.61
N TRP A 29 21.86 2.87 -19.27
CA TRP A 29 21.73 2.67 -20.72
C TRP A 29 21.75 1.21 -21.18
N PRO A 30 20.59 0.55 -21.12
CA PRO A 30 20.48 -0.78 -21.73
C PRO A 30 20.95 -0.67 -23.19
N MET A 31 21.63 -1.70 -23.68
CA MET A 31 22.16 -1.69 -25.04
C MET A 31 21.63 -2.90 -25.79
N ALA A 32 21.55 -2.77 -27.11
CA ALA A 32 21.08 -3.86 -27.95
C ALA A 32 22.05 -4.11 -29.07
N SER A 33 22.20 -5.38 -29.46
CA SER A 33 23.03 -5.75 -30.60
C SER A 33 22.51 -7.05 -31.20
N ALA A 34 22.47 -7.11 -32.53
CA ALA A 34 22.13 -8.36 -33.21
C ALA A 34 23.32 -9.32 -33.23
N ALA A 35 24.52 -8.80 -33.01
CA ALA A 35 25.74 -9.61 -32.92
C ALA A 35 25.96 -10.11 -31.48
N PRO A 36 26.41 -11.37 -31.32
CA PRO A 36 26.66 -11.91 -29.97
C PRO A 36 27.97 -11.39 -29.35
N GLY A 37 28.12 -11.60 -28.05
CA GLY A 37 29.38 -11.35 -27.32
C GLY A 37 29.83 -9.91 -27.14
N ARG A 38 28.88 -8.99 -26.92
CA ARG A 38 29.23 -7.56 -26.81
C ARG A 38 29.41 -7.10 -25.38
N ARG A 39 30.40 -6.21 -25.21
CA ARG A 39 30.78 -5.65 -23.91
C ARG A 39 31.02 -4.17 -24.14
N GLN A 40 30.74 -3.37 -23.11
CA GLN A 40 31.13 -1.95 -23.11
C GLN A 40 32.54 -1.78 -22.55
N SER A 41 33.38 -1.05 -23.28
CA SER A 41 34.71 -0.70 -22.78
C SER A 41 34.76 0.73 -22.22
N ALA A 42 33.87 1.59 -22.69
CA ALA A 42 33.88 3.00 -22.28
C ALA A 42 32.52 3.63 -22.53
N TYR A 43 32.28 4.77 -21.88
CA TYR A 43 31.06 5.57 -22.10
C TYR A 43 31.37 7.05 -22.06
N GLN A 44 30.45 7.85 -22.58
CA GLN A 44 30.56 9.29 -22.50
C GLN A 44 29.17 9.84 -22.38
N VAL A 45 28.97 10.64 -21.33
CA VAL A 45 27.69 11.30 -21.10
C VAL A 45 27.81 12.80 -21.32
N ARG A 46 26.81 13.36 -22.01
CA ARG A 46 26.66 14.81 -22.08
C ARG A 46 25.34 15.24 -21.51
N VAL A 47 25.36 16.41 -20.87
CA VAL A 47 24.16 17.01 -20.30
C VAL A 47 24.15 18.47 -20.75
N ALA A 48 23.00 18.95 -21.20
CA ALA A 48 22.86 20.33 -21.68
C ALA A 48 21.48 20.90 -21.33
N SER A 49 21.33 22.22 -21.52
CA SER A 49 20.07 22.90 -21.21
C SER A 49 19.03 22.80 -22.33
N SER A 50 19.43 22.22 -23.47
CA SER A 50 18.50 21.91 -24.55
C SER A 50 18.97 20.66 -25.28
N ALA A 51 18.05 19.99 -25.98
CA ALA A 51 18.38 18.82 -26.78
C ALA A 51 19.38 19.17 -27.86
N ALA A 52 19.12 20.28 -28.57
CA ALA A 52 20.02 20.74 -29.64
C ALA A 52 21.38 21.09 -29.09
N GLY A 53 21.40 21.66 -27.88
CA GLY A 53 22.63 22.02 -27.21
C GLY A 53 23.58 20.90 -26.82
N LEU A 54 23.18 19.64 -27.01
CA LEU A 54 24.02 18.48 -26.66
C LEU A 54 25.27 18.32 -27.54
N SER A 55 25.26 18.97 -28.70
CA SER A 55 26.42 19.02 -29.60
C SER A 55 27.56 19.90 -29.05
N HIS A 56 27.19 20.90 -28.24
CA HIS A 56 28.18 21.72 -27.51
C HIS A 56 27.62 21.90 -26.11
N PRO A 57 27.72 20.85 -25.27
CA PRO A 57 26.97 20.80 -24.00
C PRO A 57 27.42 21.86 -22.98
N ASP A 58 26.44 22.52 -22.35
CA ASP A 58 26.74 23.62 -21.42
C ASP A 58 26.62 23.23 -19.94
N VAL A 59 26.29 21.97 -19.65
CA VAL A 59 26.17 21.51 -18.24
C VAL A 59 27.29 20.54 -17.90
N TRP A 60 27.38 19.43 -18.61
CA TRP A 60 28.41 18.44 -18.34
C TRP A 60 28.79 17.65 -19.60
N ASP A 61 30.07 17.30 -19.67
CA ASP A 61 30.55 16.31 -20.61
C ASP A 61 31.56 15.47 -19.85
N SER A 62 31.23 14.21 -19.60
CA SER A 62 32.07 13.31 -18.82
C SER A 62 33.39 13.03 -19.52
N GLY A 63 33.45 13.30 -20.82
CA GLY A 63 34.53 12.78 -21.66
C GLY A 63 34.41 11.27 -21.78
N LYS A 64 35.35 10.66 -22.49
CA LYS A 64 35.35 9.20 -22.64
C LYS A 64 35.84 8.57 -21.35
N VAL A 65 34.95 7.85 -20.66
CA VAL A 65 35.30 7.22 -19.38
C VAL A 65 35.53 5.73 -19.57
N VAL A 66 36.75 5.27 -19.27
CA VAL A 66 37.07 3.84 -19.36
C VAL A 66 36.39 3.10 -18.21
N SER A 67 35.44 2.22 -18.55
CA SER A 67 34.54 1.61 -17.58
C SER A 67 33.54 0.73 -18.32
N ASP A 68 33.15 -0.38 -17.71
CA ASP A 68 32.06 -1.19 -18.26
C ASP A 68 30.71 -0.94 -17.56
N ASP A 69 30.63 0.12 -16.73
CA ASP A 69 29.41 0.49 -16.00
CA ASP A 69 29.37 0.36 -16.06
C ASP A 69 28.34 1.02 -16.96
N SER A 70 27.15 0.43 -16.94
CA SER A 70 26.07 0.93 -17.79
C SER A 70 24.75 1.07 -17.03
N VAL A 71 24.78 0.79 -15.72
CA VAL A 71 23.57 0.77 -14.91
C VAL A 71 23.77 1.65 -13.69
N LEU A 72 22.83 2.57 -13.46
CA LEU A 72 22.82 3.44 -12.26
C LEU A 72 24.12 4.21 -12.06
N VAL A 73 24.60 4.80 -13.15
CA VAL A 73 25.82 5.60 -13.12
C VAL A 73 25.47 7.01 -12.68
N PRO A 74 26.01 7.46 -11.53
CA PRO A 74 25.58 8.77 -10.99
C PRO A 74 26.09 9.94 -11.82
N TYR A 75 25.20 10.88 -12.11
CA TYR A 75 25.60 12.19 -12.62
C TYR A 75 26.74 12.76 -11.78
N ALA A 76 27.78 13.25 -12.45
CA ALA A 76 28.95 13.77 -11.73
C ALA A 76 29.46 15.08 -12.33
N GLY A 77 28.54 15.91 -12.80
CA GLY A 77 28.84 17.25 -13.29
C GLY A 77 28.64 18.28 -12.17
N PRO A 78 28.56 19.57 -12.55
CA PRO A 78 28.34 20.69 -11.61
C PRO A 78 27.02 20.54 -10.88
N PRO A 79 26.89 21.17 -9.70
CA PRO A 79 25.66 21.08 -8.91
C PRO A 79 24.42 21.42 -9.74
N LEU A 80 23.41 20.57 -9.64
CA LEU A 80 22.12 20.85 -10.30
C LEU A 80 21.33 21.94 -9.58
N LYS A 81 20.53 22.68 -10.35
CA LYS A 81 19.72 23.79 -9.86
C LYS A 81 18.24 23.36 -9.83
N PRO A 82 17.43 23.98 -8.95
CA PRO A 82 15.99 23.70 -8.89
C PRO A 82 15.25 24.09 -10.16
N ARG A 83 14.12 23.43 -10.41
CA ARG A 83 13.19 23.81 -11.48
C ARG A 83 13.83 23.80 -12.87
N THR A 84 14.78 22.91 -13.10
CA THR A 84 15.52 22.94 -14.37
C THR A 84 15.42 21.64 -15.12
N ARG A 85 15.12 21.75 -16.41
CA ARG A 85 15.14 20.55 -17.24
C ARG A 85 16.54 20.31 -17.80
N TYR A 86 17.06 19.10 -17.59
CA TYR A 86 18.36 18.72 -18.07
C TYR A 86 18.22 17.67 -19.17
N PHE A 87 18.73 17.99 -20.35
CA PHE A 87 18.76 17.05 -21.45
C PHE A 87 20.07 16.28 -21.44
N TRP A 88 20.01 15.00 -21.83
CA TRP A 88 21.19 14.17 -21.82
C TRP A 88 21.20 13.11 -22.91
N SER A 89 22.42 12.69 -23.23
CA SER A 89 22.64 11.66 -24.21
C SER A 89 23.91 10.92 -23.77
N VAL A 90 23.99 9.64 -24.12
CA VAL A 90 25.17 8.83 -23.86
C VAL A 90 25.57 8.06 -25.11
N ARG A 91 26.86 7.82 -25.27
CA ARG A 91 27.33 6.88 -26.26
C ARG A 91 28.32 5.95 -25.58
N VAL A 92 28.52 4.78 -26.18
CA VAL A 92 29.41 3.79 -25.60
C VAL A 92 30.38 3.29 -26.64
N TRP A 93 31.50 2.71 -26.17
CA TRP A 93 32.46 2.02 -27.02
C TRP A 93 32.40 0.56 -26.68
N ASP A 94 32.42 -0.30 -27.71
CA ASP A 94 32.46 -1.74 -27.52
C ASP A 94 33.89 -2.24 -27.22
N ALA A 95 34.05 -3.55 -27.07
CA ALA A 95 35.36 -4.12 -26.71
C ALA A 95 36.44 -3.90 -27.78
N ASP A 96 36.01 -3.71 -29.03
CA ASP A 96 36.93 -3.46 -30.13
C ASP A 96 37.22 -1.96 -30.29
N GLY A 97 36.55 -1.15 -29.47
CA GLY A 97 36.76 0.30 -29.46
C GLY A 97 35.91 1.08 -30.45
N GLY A 98 34.89 0.43 -31.01
CA GLY A 98 33.96 1.12 -31.88
C GLY A 98 32.85 1.83 -31.10
N ALA A 99 32.58 3.08 -31.45
CA ALA A 99 31.55 3.88 -30.78
C ALA A 99 30.16 3.64 -31.34
N SER A 100 29.16 3.69 -30.46
CA SER A 100 27.75 3.68 -30.85
C SER A 100 27.33 5.07 -31.31
N GLU A 101 26.14 5.15 -31.88
CA GLU A 101 25.45 6.44 -32.04
C GLU A 101 25.22 7.03 -30.64
N TRP A 102 25.09 8.35 -30.57
CA TRP A 102 24.64 9.00 -29.33
C TRP A 102 23.21 8.58 -29.15
N SER A 103 22.80 8.30 -27.92
CA SER A 103 21.42 7.91 -27.66
C SER A 103 20.51 9.07 -28.04
N ALA A 104 19.31 8.76 -28.50
CA ALA A 104 18.31 9.78 -28.76
C ALA A 104 18.15 10.61 -27.48
N PRO A 105 18.24 11.95 -27.58
CA PRO A 105 18.25 12.82 -26.39
C PRO A 105 17.05 12.57 -25.48
N SER A 106 17.30 12.50 -24.19
CA SER A 106 16.22 12.43 -23.23
C SER A 106 16.39 13.54 -22.22
N TRP A 107 15.59 13.51 -21.16
CA TRP A 107 15.68 14.57 -20.17
C TRP A 107 15.25 14.09 -18.78
N TRP A 108 15.69 14.82 -17.76
CA TRP A 108 15.03 14.78 -16.44
C TRP A 108 14.83 16.23 -15.98
N GLU A 109 13.89 16.43 -15.06
CA GLU A 109 13.65 17.79 -14.58
C GLU A 109 13.67 17.83 -13.06
N THR A 110 14.46 18.74 -12.52
CA THR A 110 14.51 18.88 -11.07
C THR A 110 13.26 19.57 -10.57
N GLY A 111 12.92 19.29 -9.32
CA GLY A 111 11.83 19.97 -8.66
C GLY A 111 12.34 21.15 -7.85
N LEU A 112 11.70 21.37 -6.71
CA LEU A 112 11.99 22.55 -5.90
C LEU A 112 13.25 22.40 -5.06
N MET A 113 13.62 21.14 -4.79
CA MET A 113 14.84 20.78 -4.06
C MET A 113 14.87 21.38 -2.67
N GLY A 114 13.79 21.19 -1.91
CA GLY A 114 13.76 21.59 -0.52
C GLY A 114 12.79 22.70 -0.18
N ALA A 115 12.30 22.63 1.06
CA ALA A 115 11.26 23.51 1.60
C ALA A 115 11.52 25.02 1.37
N SER A 116 12.77 25.44 1.30
CA SER A 116 13.11 26.86 1.15
C SER A 116 12.65 27.48 -0.18
N GLN A 117 12.38 26.64 -1.18
CA GLN A 117 11.95 27.12 -2.48
C GLN A 117 10.41 27.26 -2.59
N TRP A 118 9.69 26.87 -1.54
CA TRP A 118 8.25 27.09 -1.43
C TRP A 118 7.94 28.44 -0.82
N SER A 119 6.99 29.15 -1.39
CA SER A 119 6.41 30.33 -0.69
C SER A 119 4.93 30.15 -0.38
N ALA A 120 4.39 28.99 -0.78
CA ALA A 120 3.01 28.62 -0.49
C ALA A 120 2.76 28.44 1.01
N LYS A 121 1.52 28.62 1.43
CA LYS A 121 1.13 28.39 2.82
C LYS A 121 0.18 27.21 2.91
N TRP A 122 0.29 26.47 4.01
CA TRP A 122 -0.62 25.35 4.29
C TRP A 122 -2.01 25.89 4.61
N ILE A 123 -3.02 25.41 3.88
CA ILE A 123 -4.39 25.86 4.11
C ILE A 123 -5.38 24.70 4.33
N SER A 124 -6.45 24.96 5.08
CA SER A 124 -7.51 23.98 5.34
C SER A 124 -8.85 24.64 5.11
N ALA A 125 -9.87 23.83 4.84
CA ALA A 125 -11.24 24.33 4.92
C ALA A 125 -11.50 24.75 6.38
N PRO A 126 -12.39 25.74 6.58
CA PRO A 126 -12.63 26.24 7.94
C PRO A 126 -13.48 25.29 8.78
N ALA A 127 -13.56 25.58 10.08
CA ALA A 127 -14.22 24.70 11.06
C ALA A 127 -15.65 24.21 10.71
N PRO A 128 -16.52 25.07 10.18
CA PRO A 128 -17.85 24.60 9.78
C PRO A 128 -17.83 23.44 8.79
N LEU A 129 -16.75 23.29 8.04
CA LEU A 129 -16.66 22.25 6.99
C LEU A 129 -15.81 21.03 7.38
N THR A 130 -15.03 21.14 8.44
CA THR A 130 -14.11 20.06 8.82
C THR A 130 -14.50 19.37 10.11
N GLU A 131 -15.17 20.07 11.01
CA GLU A 131 -15.58 19.48 12.27
C GLU A 131 -17.05 19.09 12.25
N ALA A 132 -17.34 17.90 12.75
CA ALA A 132 -18.72 17.47 12.98
C ALA A 132 -19.35 18.38 14.02
N PRO A 133 -20.71 18.48 14.03
CA PRO A 133 -21.40 19.16 15.12
C PRO A 133 -20.82 18.70 16.45
N SER A 134 -20.51 19.65 17.34
CA SER A 134 -19.80 19.27 18.57
C SER A 134 -20.74 19.21 19.77
N LEU A 135 -20.31 18.50 20.80
CA LEU A 135 -21.11 18.30 22.01
C LEU A 135 -20.82 19.36 23.08
N GLU A 136 -19.95 20.31 22.73
CA GLU A 136 -19.58 21.38 23.66
C GLU A 136 -20.82 22.21 23.96
N GLY A 137 -21.00 22.55 25.22
CA GLY A 137 -22.22 23.26 25.64
C GLY A 137 -23.31 22.31 26.09
N SER A 138 -23.17 21.02 25.78
CA SER A 138 -24.14 20.03 26.23
C SER A 138 -23.73 19.39 27.56
N SER A 139 -24.61 18.55 28.11
CA SER A 139 -24.36 17.90 29.40
C SER A 139 -24.62 16.42 29.27
N TRP A 140 -23.80 15.61 29.94
CA TRP A 140 -24.15 14.21 30.09
C TRP A 140 -25.26 14.12 31.10
N ILE A 141 -26.36 13.43 30.76
CA ILE A 141 -27.46 13.32 31.71
C ILE A 141 -27.79 11.86 32.02
N TRP A 142 -28.46 11.64 33.15
CA TRP A 142 -28.96 10.34 33.55
C TRP A 142 -30.21 10.55 34.40
N PHE A 143 -30.85 9.47 34.81
CA PHE A 143 -31.86 9.54 35.86
C PHE A 143 -31.23 10.10 37.17
N PRO A 144 -32.00 10.89 37.96
CA PRO A 144 -31.47 11.39 39.23
C PRO A 144 -31.34 10.29 40.30
N GLU A 145 -30.23 9.54 40.24
CA GLU A 145 -29.93 8.51 41.24
C GLU A 145 -28.44 8.59 41.54
N GLY A 146 -28.08 8.88 42.79
CA GLY A 146 -26.68 8.93 43.22
C GLY A 146 -25.84 9.89 42.39
N GLU A 147 -24.63 9.44 42.03
CA GLU A 147 -23.70 10.26 41.27
C GLU A 147 -23.37 9.44 40.01
N PRO A 148 -24.18 9.59 38.94
CA PRO A 148 -24.03 8.67 37.81
C PRO A 148 -22.68 8.70 37.12
N ALA A 149 -21.97 9.83 37.16
CA ALA A 149 -20.64 9.89 36.53
C ALA A 149 -19.63 8.97 37.26
N ASN A 150 -19.95 8.64 38.50
CA ASN A 150 -19.13 7.70 39.28
C ASN A 150 -19.69 6.29 39.21
N SER A 151 -20.97 6.14 39.54
CA SER A 151 -21.58 4.82 39.55
C SER A 151 -23.09 4.90 39.42
N ALA A 152 -23.64 4.03 38.58
CA ALA A 152 -25.08 3.89 38.40
C ALA A 152 -25.32 2.41 38.23
N PRO A 153 -26.56 1.95 38.52
CA PRO A 153 -26.86 0.51 38.36
C PRO A 153 -26.84 0.10 36.88
N ALA A 154 -26.68 -1.20 36.61
CA ALA A 154 -26.73 -1.74 35.24
C ALA A 154 -28.20 -1.86 34.83
N ALA A 155 -28.77 -0.74 34.39
CA ALA A 155 -30.18 -0.65 34.14
C ALA A 155 -30.44 0.24 32.96
N THR A 156 -31.68 0.21 32.51
CA THR A 156 -32.16 1.11 31.45
C THR A 156 -32.91 2.25 32.12
N ARG A 157 -32.70 3.47 31.61
CA ARG A 157 -33.49 4.64 32.00
C ARG A 157 -34.12 5.28 30.75
N TRP A 158 -35.22 6.01 30.93
CA TRP A 158 -36.01 6.58 29.85
C TRP A 158 -36.09 8.10 30.00
N PHE A 159 -36.13 8.81 28.87
CA PHE A 159 -36.00 10.28 28.82
C PHE A 159 -36.89 10.83 27.74
N ARG A 160 -37.47 11.99 28.03
CA ARG A 160 -38.34 12.71 27.13
C ARG A 160 -38.09 14.20 27.16
N ARG A 161 -38.27 14.83 26.01
CA ARG A 161 -38.19 16.28 25.92
C ARG A 161 -39.09 16.72 24.77
N THR A 162 -39.93 17.72 25.02
CA THR A 162 -40.66 18.36 23.93
C THR A 162 -40.10 19.75 23.75
N VAL A 163 -39.66 20.05 22.53
CA VAL A 163 -39.04 21.33 22.22
C VAL A 163 -39.75 22.03 21.06
N ASP A 164 -39.88 23.35 21.20
CA ASP A 164 -40.57 24.19 20.23
C ASP A 164 -39.54 24.72 19.22
N LEU A 165 -39.51 24.13 18.04
CA LEU A 165 -38.47 24.44 17.06
C LEU A 165 -38.82 25.64 16.17
N PRO A 166 -37.79 26.36 15.68
CA PRO A 166 -38.08 27.56 14.90
C PRO A 166 -38.67 27.27 13.52
N ASP A 167 -39.19 28.32 12.90
CA ASP A 167 -39.68 28.27 11.54
C ASP A 167 -38.53 28.21 10.55
N ASP A 168 -38.83 27.77 9.32
CA ASP A 168 -37.88 27.82 8.19
C ASP A 168 -36.58 27.05 8.42
N ILE A 169 -36.74 25.83 8.93
CA ILE A 169 -35.63 24.90 9.12
C ILE A 169 -35.14 24.37 7.78
N THR A 170 -33.84 24.52 7.51
CA THR A 170 -33.25 24.03 6.26
C THR A 170 -32.36 22.81 6.49
N GLY A 171 -31.96 22.59 7.74
CA GLY A 171 -31.09 21.48 8.08
C GLY A 171 -31.26 21.12 9.54
N ALA A 172 -31.08 19.84 9.86
CA ALA A 172 -31.16 19.39 11.26
C ALA A 172 -30.25 18.19 11.43
N THR A 173 -29.36 18.26 12.41
CA THR A 173 -28.43 17.16 12.72
CA THR A 173 -28.41 17.19 12.70
C THR A 173 -28.49 16.84 14.19
N LEU A 174 -28.39 15.55 14.50
CA LEU A 174 -28.35 15.10 15.90
C LEU A 174 -27.01 14.43 16.14
N ALA A 175 -26.26 14.92 17.11
CA ALA A 175 -25.04 14.23 17.53
C ALA A 175 -25.35 13.67 18.93
N ILE A 176 -25.02 12.40 19.12
CA ILE A 176 -25.47 11.68 20.32
C ILE A 176 -24.44 10.61 20.71
N SER A 177 -24.24 10.43 22.02
CA SER A 177 -23.42 9.34 22.52
C SER A 177 -24.01 8.89 23.85
N ALA A 178 -23.80 7.63 24.21
CA ALA A 178 -24.25 7.14 25.51
C ALA A 178 -23.23 6.20 26.12
N ASP A 179 -23.07 6.32 27.42
CA ASP A 179 -22.45 5.32 28.25
C ASP A 179 -23.63 4.56 28.91
N ASN A 180 -24.02 3.38 28.41
CA ASN A 180 -23.34 2.63 27.34
C ASN A 180 -24.02 2.57 25.98
N VAL A 181 -25.35 2.56 25.95
CA VAL A 181 -26.09 2.45 24.68
C VAL A 181 -27.37 3.28 24.72
N TYR A 182 -27.93 3.58 23.54
CA TYR A 182 -29.13 4.42 23.43
C TYR A 182 -30.03 3.97 22.27
N ALA A 183 -31.28 4.43 22.33
CA ALA A 183 -32.19 4.39 21.18
C ALA A 183 -32.98 5.69 21.24
N VAL A 184 -32.90 6.49 20.18
CA VAL A 184 -33.48 7.82 20.16
C VAL A 184 -34.53 7.93 19.07
N SER A 185 -35.63 8.61 19.40
CA SER A 185 -36.75 8.79 18.49
CA SER A 185 -36.75 8.79 18.48
C SER A 185 -37.19 10.25 18.42
N VAL A 186 -37.80 10.63 17.29
CA VAL A 186 -38.44 11.94 17.15
C VAL A 186 -39.92 11.71 16.79
N ASP A 187 -40.82 12.32 17.55
CA ASP A 187 -42.28 12.16 17.36
C ASP A 187 -42.68 10.69 17.19
N GLY A 188 -42.00 9.81 17.92
CA GLY A 188 -42.30 8.40 17.92
C GLY A 188 -41.59 7.55 16.86
N ALA A 189 -40.80 8.17 15.98
CA ALA A 189 -40.06 7.39 14.97
C ALA A 189 -38.59 7.27 15.38
N GLU A 190 -38.09 6.04 15.47
CA GLU A 190 -36.68 5.84 15.82
C GLU A 190 -35.74 6.36 14.75
N VAL A 191 -34.73 7.13 15.15
CA VAL A 191 -33.77 7.68 14.18
C VAL A 191 -32.36 7.12 14.34
N ALA A 192 -32.06 6.54 15.50
CA ALA A 192 -30.72 5.98 15.77
C ALA A 192 -30.73 5.11 17.01
N ARG A 193 -29.85 4.12 17.02
CA ARG A 193 -29.67 3.26 18.19
C ARG A 193 -28.29 2.62 18.20
N THR A 194 -27.84 2.24 19.38
CA THR A 194 -26.66 1.39 19.52
C THR A 194 -27.04 0.19 20.37
N ASP A 195 -26.30 -0.90 20.21
CA ASP A 195 -26.70 -2.17 20.82
C ASP A 195 -25.69 -2.67 21.85
N LEU A 196 -26.21 -3.18 22.97
CA LEU A 196 -25.34 -3.66 24.06
C LEU A 196 -24.33 -4.70 23.60
N GLU A 197 -24.80 -5.70 22.87
CA GLU A 197 -23.93 -6.80 22.43
C GLU A 197 -22.85 -6.39 21.41
N ALA A 198 -22.92 -5.15 20.92
CA ALA A 198 -21.90 -4.61 20.03
C ALA A 198 -21.07 -3.50 20.67
N ASP A 199 -21.36 -3.19 21.94
CA ASP A 199 -20.71 -2.06 22.60
C ASP A 199 -19.27 -2.34 23.02
N ASN A 200 -18.34 -1.58 22.47
CA ASN A 200 -16.98 -1.55 22.99
C ASN A 200 -16.55 -0.10 23.27
N GLU A 201 -16.93 0.41 24.44
CA GLU A 201 -16.71 1.82 24.81
C GLU A 201 -17.22 2.75 23.71
N GLY A 202 -18.41 2.40 23.21
CA GLY A 202 -19.12 3.19 22.21
C GLY A 202 -19.36 4.64 22.59
N TRP A 203 -19.36 4.94 23.88
CA TRP A 203 -19.50 6.32 24.36
C TRP A 203 -18.42 7.25 23.81
N ARG A 204 -17.25 6.69 23.47
CA ARG A 204 -16.14 7.47 22.91
C ARG A 204 -16.40 7.95 21.50
N ARG A 205 -17.39 7.36 20.83
CA ARG A 205 -17.62 7.64 19.41
C ARG A 205 -19.06 8.06 19.14
N PRO A 206 -19.36 9.35 19.36
CA PRO A 206 -20.70 9.87 19.09
C PRO A 206 -21.12 9.67 17.63
N ALA A 207 -22.38 9.37 17.41
CA ALA A 207 -22.94 9.31 16.06
C ALA A 207 -23.53 10.68 15.68
N VAL A 208 -23.52 10.97 14.39
CA VAL A 208 -24.08 12.20 13.86
C VAL A 208 -25.11 11.80 12.81
N ILE A 209 -26.36 12.18 13.03
CA ILE A 209 -27.49 11.70 12.20
C ILE A 209 -28.21 12.89 11.58
N ASP A 210 -28.44 12.84 10.27
CA ASP A 210 -29.29 13.82 9.64
C ASP A 210 -30.74 13.49 9.99
N VAL A 211 -31.44 14.43 10.63
CA VAL A 211 -32.83 14.19 11.08
C VAL A 211 -33.81 15.19 10.45
N LEU A 212 -33.43 15.79 9.32
CA LEU A 212 -34.32 16.75 8.68
C LEU A 212 -35.66 16.07 8.29
N ASP A 213 -35.60 14.79 7.92
CA ASP A 213 -36.80 14.04 7.51
C ASP A 213 -37.80 13.75 8.66
N HIS A 214 -37.39 14.02 9.90
CA HIS A 214 -38.26 13.80 11.06
C HIS A 214 -38.56 15.04 11.90
N VAL A 215 -37.92 16.18 11.61
CA VAL A 215 -38.19 17.40 12.38
C VAL A 215 -39.07 18.39 11.63
N HIS A 216 -39.74 19.25 12.38
CA HIS A 216 -40.62 20.29 11.82
C HIS A 216 -40.65 21.47 12.77
N SER A 217 -41.29 22.55 12.37
CA SER A 217 -41.42 23.71 13.24
C SER A 217 -42.43 23.40 14.35
N GLY A 218 -42.36 24.15 15.45
CA GLY A 218 -43.28 23.96 16.57
C GLY A 218 -42.82 22.77 17.40
N ASN A 219 -43.76 22.14 18.11
CA ASN A 219 -43.43 21.13 19.13
C ASN A 219 -43.00 19.80 18.51
N ASN A 220 -41.80 19.35 18.88
CA ASN A 220 -41.24 18.05 18.46
C ASN A 220 -40.93 17.28 19.75
N THR A 221 -41.28 16.01 19.80
CA THR A 221 -41.01 15.20 20.98
C THR A 221 -39.85 14.27 20.77
N LEU A 222 -38.80 14.47 21.56
CA LEU A 222 -37.62 13.65 21.51
C LEU A 222 -37.73 12.64 22.66
N ALA A 223 -37.39 11.39 22.40
CA ALA A 223 -37.42 10.36 23.44
C ALA A 223 -36.21 9.47 23.30
N VAL A 224 -35.59 9.14 24.43
CA VAL A 224 -34.35 8.39 24.43
C VAL A 224 -34.46 7.34 25.52
N SER A 225 -34.13 6.10 25.18
CA SER A 225 -33.80 5.08 26.19
C SER A 225 -32.28 4.94 26.22
N ALA A 226 -31.72 4.77 27.41
CA ALA A 226 -30.28 4.53 27.51
C ALA A 226 -30.06 3.46 28.56
N SER A 227 -29.06 2.61 28.31
CA SER A 227 -28.76 1.54 29.23
C SER A 227 -27.29 1.55 29.63
N ASN A 228 -27.06 1.25 30.90
CA ASN A 228 -25.71 1.10 31.44
C ASN A 228 -25.37 -0.39 31.47
N ALA A 229 -24.20 -0.76 30.96
CA ALA A 229 -23.87 -2.17 30.71
C ALA A 229 -23.50 -2.97 31.96
N SER A 230 -22.97 -2.28 32.95
CA SER A 230 -22.55 -2.90 34.19
C SER A 230 -22.54 -1.82 35.26
N VAL A 231 -22.46 -2.21 36.53
CA VAL A 231 -22.31 -1.23 37.61
C VAL A 231 -21.06 -0.38 37.43
N GLY A 232 -21.26 0.93 37.39
CA GLY A 232 -20.25 1.91 37.04
C GLY A 232 -20.89 3.11 36.35
N PRO A 233 -20.07 3.99 35.75
CA PRO A 233 -20.59 5.28 35.24
C PRO A 233 -21.66 5.11 34.17
N ALA A 234 -22.60 6.05 34.12
CA ALA A 234 -23.63 6.06 33.10
C ALA A 234 -23.99 7.49 32.76
N GLY A 235 -24.45 7.70 31.54
CA GLY A 235 -24.86 9.02 31.12
C GLY A 235 -24.99 9.06 29.62
N TRP A 236 -25.80 9.97 29.10
CA TRP A 236 -25.87 10.14 27.66
C TRP A 236 -25.87 11.63 27.35
N ILE A 237 -25.49 12.00 26.13
CA ILE A 237 -25.32 13.40 25.83
C ILE A 237 -25.74 13.61 24.36
N CYS A 238 -26.32 14.77 24.06
CA CYS A 238 -26.63 15.10 22.65
C CYS A 238 -26.69 16.59 22.38
N VAL A 239 -26.60 16.92 21.08
CA VAL A 239 -26.95 18.26 20.59
C VAL A 239 -27.79 18.05 19.32
N LEU A 240 -28.94 18.71 19.28
CA LEU A 240 -29.72 18.82 18.06
C LEU A 240 -29.46 20.20 17.50
N VAL A 241 -28.90 20.26 16.30
CA VAL A 241 -28.54 21.54 15.65
C VAL A 241 -29.52 21.84 14.52
N LEU A 242 -30.28 22.91 14.66
CA LEU A 242 -31.24 23.26 13.63
C LEU A 242 -30.67 24.43 12.87
N THR A 243 -30.50 24.26 11.56
CA THR A 243 -30.06 25.37 10.72
C THR A 243 -31.29 25.99 10.07
N THR A 244 -31.42 27.31 10.18
CA THR A 244 -32.57 28.00 9.65
C THR A 244 -32.15 29.12 8.72
N ALA A 245 -33.14 29.76 8.09
CA ALA A 245 -32.92 30.96 7.31
C ALA A 245 -32.27 32.04 8.19
N SER A 246 -32.73 32.16 9.43
CA SER A 246 -32.14 33.08 10.43
C SER A 246 -30.67 32.76 10.74
N GLY A 247 -30.45 31.63 11.40
CA GLY A 247 -29.12 31.24 11.86
C GLY A 247 -29.13 29.82 12.43
N GLU A 248 -28.47 29.64 13.58
CA GLU A 248 -28.35 28.32 14.19
C GLU A 248 -29.07 28.25 15.55
N LYS A 249 -29.75 27.15 15.81
CA LYS A 249 -30.37 26.92 17.11
C LYS A 249 -29.98 25.54 17.63
N LYS A 250 -29.55 25.48 18.88
CA LYS A 250 -29.08 24.22 19.46
C LYS A 250 -29.92 23.82 20.66
N ILE A 251 -30.30 22.55 20.71
CA ILE A 251 -31.00 21.97 21.84
C ILE A 251 -30.05 20.95 22.47
N PHE A 252 -29.84 21.04 23.78
CA PHE A 252 -28.95 20.14 24.50
C PHE A 252 -29.68 19.08 25.34
N SER A 253 -28.97 18.00 25.64
CA SER A 253 -29.31 17.13 26.78
C SER A 253 -28.96 17.90 28.08
N ASP A 254 -29.94 18.05 28.96
CA ASP A 254 -29.79 18.84 30.18
C ASP A 254 -30.97 18.56 31.11
N ALA A 255 -31.12 19.33 32.18
CA ALA A 255 -32.15 19.07 33.18
C ALA A 255 -33.57 19.52 32.77
N SER A 256 -33.73 20.03 31.55
CA SER A 256 -35.06 20.31 31.00
CA SER A 256 -35.07 20.31 31.04
C SER A 256 -35.72 19.04 30.46
N TRP A 257 -34.92 17.97 30.37
CA TRP A 257 -35.42 16.64 29.99
C TRP A 257 -36.08 15.96 31.18
N LYS A 258 -37.14 15.20 30.92
CA LYS A 258 -37.75 14.39 31.97
C LYS A 258 -37.15 12.99 31.92
N SER A 259 -37.08 12.31 33.07
CA SER A 259 -36.52 10.98 33.12
C SER A 259 -37.31 10.08 34.07
N THR A 260 -37.34 8.78 33.79
CA THR A 260 -37.92 7.79 34.71
C THR A 260 -37.06 6.55 34.87
N ASP A 261 -37.17 5.91 36.04
CA ASP A 261 -36.46 4.67 36.34
C ASP A 261 -37.37 3.44 36.37
N HIS A 262 -38.63 3.61 35.95
CA HIS A 262 -39.56 2.47 35.80
C HIS A 262 -40.01 2.39 34.36
N GLU A 263 -39.95 1.19 33.78
CA GLU A 263 -40.33 1.02 32.39
C GLU A 263 -41.71 1.64 32.13
N PRO A 264 -41.76 2.63 31.21
CA PRO A 264 -43.04 3.28 30.94
C PRO A 264 -44.01 2.45 30.08
N ALA A 265 -45.29 2.83 30.11
CA ALA A 265 -46.33 2.26 29.26
C ALA A 265 -45.96 2.43 27.80
N ASP A 266 -46.49 1.60 26.92
CA ASP A 266 -46.20 1.87 25.53
C ASP A 266 -46.89 3.12 25.06
N GLY A 267 -46.24 3.79 24.12
CA GLY A 267 -46.67 5.10 23.69
C GLY A 267 -45.77 6.17 24.28
N TRP A 268 -44.80 5.75 25.12
CA TRP A 268 -43.90 6.70 25.82
C TRP A 268 -43.03 7.52 24.89
N ARG A 269 -42.85 7.06 23.65
CA ARG A 269 -42.12 7.85 22.67
C ARG A 269 -43.01 8.85 21.95
N GLU A 270 -44.34 8.75 22.12
CA GLU A 270 -45.27 9.60 21.35
C GLU A 270 -45.41 11.00 21.94
N PRO A 271 -45.68 12.00 21.08
CA PRO A 271 -45.88 13.38 21.53
C PRO A 271 -46.85 13.56 22.71
N ASP A 272 -48.01 12.91 22.69
CA ASP A 272 -49.03 13.23 23.70
C ASP A 272 -49.00 12.39 24.98
N PHE A 273 -47.95 11.62 25.17
CA PHE A 273 -47.78 10.77 26.34
C PHE A 273 -47.62 11.63 27.60
N ASP A 274 -48.19 11.19 28.72
CA ASP A 274 -48.08 12.00 29.93
C ASP A 274 -46.81 11.69 30.74
N ASP A 275 -45.87 12.64 30.78
CA ASP A 275 -44.67 12.46 31.61
C ASP A 275 -44.63 13.53 32.72
N SER A 276 -45.77 14.12 33.03
CA SER A 276 -45.76 15.18 34.06
C SER A 276 -45.34 14.65 35.46
N GLY A 277 -45.50 13.35 35.71
CA GLY A 277 -45.05 12.70 36.96
C GLY A 277 -43.57 12.31 37.00
N TRP A 278 -42.87 12.45 35.87
CA TRP A 278 -41.45 12.05 35.77
C TRP A 278 -40.60 13.16 36.40
N PRO A 279 -39.56 12.80 37.18
CA PRO A 279 -38.65 13.84 37.65
C PRO A 279 -37.77 14.39 36.54
N ALA A 280 -37.14 15.55 36.78
CA ALA A 280 -36.15 16.09 35.84
C ALA A 280 -34.94 15.16 35.77
N ALA A 281 -34.38 15.01 34.56
CA ALA A 281 -33.08 14.36 34.40
C ALA A 281 -32.04 15.10 35.23
N LYS A 282 -31.00 14.39 35.64
CA LYS A 282 -29.89 14.95 36.38
C LYS A 282 -28.69 15.08 35.46
N VAL A 283 -28.04 16.24 35.51
CA VAL A 283 -26.73 16.39 34.85
C VAL A 283 -25.71 15.53 35.61
N ALA A 284 -25.13 14.55 34.93
CA ALA A 284 -24.05 13.71 35.52
C ALA A 284 -22.70 14.45 35.46
N ALA A 285 -22.49 15.21 34.38
CA ALA A 285 -21.27 16.00 34.17
C ALA A 285 -21.45 16.90 32.96
N ALA A 286 -20.92 18.11 33.03
CA ALA A 286 -20.83 18.98 31.85
C ALA A 286 -19.92 18.27 30.82
N TRP A 287 -20.11 18.56 29.54
CA TRP A 287 -19.18 18.02 28.54
C TRP A 287 -17.75 18.36 28.93
N GLY A 288 -16.85 17.38 28.84
CA GLY A 288 -15.47 17.59 29.22
C GLY A 288 -15.16 17.12 30.63
N ALA A 289 -16.19 17.07 31.46
CA ALA A 289 -16.06 16.50 32.83
C ALA A 289 -16.47 15.03 32.92
N GLY A 290 -16.53 14.50 34.14
CA GLY A 290 -16.79 13.07 34.39
C GLY A 290 -15.65 12.19 33.87
N PRO A 291 -15.88 10.88 33.75
CA PRO A 291 -14.81 10.02 33.23
C PRO A 291 -14.58 10.11 31.72
N TRP A 292 -15.46 10.83 31.02
CA TRP A 292 -15.56 10.68 29.55
C TRP A 292 -14.64 11.60 28.74
N GLY A 293 -14.18 12.69 29.34
CA GLY A 293 -13.27 13.63 28.66
C GLY A 293 -13.92 14.37 27.49
N ARG A 294 -13.08 14.90 26.61
CA ARG A 294 -13.54 15.80 25.56
C ARG A 294 -14.00 15.06 24.30
N VAL A 295 -15.03 14.24 24.47
CA VAL A 295 -15.58 13.38 23.43
C VAL A 295 -16.13 14.20 22.25
N ALA A 296 -15.74 13.86 21.02
CA ALA A 296 -16.24 14.58 19.84
C ALA A 296 -16.54 13.63 18.69
N PRO A 297 -17.64 13.87 17.96
CA PRO A 297 -17.84 13.07 16.76
C PRO A 297 -16.77 13.38 15.72
N VAL A 298 -16.54 12.43 14.82
CA VAL A 298 -15.49 12.54 13.82
C VAL A 298 -16.15 12.89 12.49
N ALA A 299 -15.62 13.90 11.80
CA ALA A 299 -16.09 14.25 10.46
C ALA A 299 -14.95 13.94 9.50
N SER A 300 -15.28 13.50 8.30
CA SER A 300 -14.24 13.15 7.34
CA SER A 300 -14.23 13.18 7.34
C SER A 300 -14.57 13.63 5.94
N ALA A 301 -15.03 14.88 5.80
CA ALA A 301 -15.42 15.38 4.48
C ALA A 301 -14.17 15.57 3.63
N ALA A 302 -14.35 15.44 2.32
CA ALA A 302 -13.35 15.88 1.35
C ALA A 302 -13.86 17.18 0.73
N ASN A 303 -13.44 18.28 1.35
CA ASN A 303 -13.92 19.62 0.94
C ASN A 303 -13.29 20.14 -0.34
N GLN A 304 -13.97 21.11 -0.97
CA GLN A 304 -13.50 21.78 -2.15
C GLN A 304 -12.81 23.09 -1.78
N LEU A 305 -11.64 23.33 -2.32
CA LEU A 305 -10.89 24.58 -2.12
C LEU A 305 -10.56 25.19 -3.49
N ARG A 306 -10.67 26.51 -3.64
CA ARG A 306 -10.42 27.07 -4.96
C ARG A 306 -9.88 28.48 -4.86
N HIS A 307 -9.28 28.93 -5.96
CA HIS A 307 -8.77 30.30 -6.07
C HIS A 307 -8.77 30.71 -7.54
N GLU A 308 -9.38 31.87 -7.83
CA GLU A 308 -9.29 32.46 -9.18
C GLU A 308 -8.25 33.55 -9.22
N PHE A 309 -7.55 33.66 -10.34
CA PHE A 309 -6.48 34.64 -10.50
C PHE A 309 -6.32 34.98 -11.99
N ARG A 310 -5.71 36.13 -12.25
CA ARG A 310 -5.52 36.59 -13.62
C ARG A 310 -4.04 36.43 -13.98
N LEU A 311 -3.78 35.93 -15.19
CA LEU A 311 -2.43 35.81 -15.71
C LEU A 311 -2.27 36.75 -16.91
N PRO A 312 -1.03 37.18 -17.23
CA PRO A 312 -0.90 38.10 -18.36
C PRO A 312 -1.21 37.48 -19.72
N HIS A 313 -1.48 38.35 -20.70
CA HIS A 313 -1.67 37.90 -22.07
C HIS A 313 -0.32 37.83 -22.80
N LYS A 314 0.49 36.85 -22.40
CA LYS A 314 1.81 36.63 -22.97
C LYS A 314 1.95 35.17 -23.31
N LYS A 315 2.89 34.88 -24.21
CA LYS A 315 3.22 33.51 -24.59
C LYS A 315 3.85 32.74 -23.41
N VAL A 316 3.24 31.62 -23.03
CA VAL A 316 3.73 30.75 -21.95
C VAL A 316 4.83 29.84 -22.47
N SER A 317 5.97 29.80 -21.79
CA SER A 317 7.02 28.85 -22.11
CA SER A 317 7.02 28.85 -22.11
C SER A 317 6.84 27.55 -21.35
N ARG A 318 6.40 27.64 -20.10
CA ARG A 318 6.25 26.46 -19.24
C ARG A 318 5.37 26.78 -18.05
N ALA A 319 4.58 25.81 -17.57
CA ALA A 319 3.94 25.98 -16.28
C ALA A 319 4.06 24.66 -15.51
N ARG A 320 4.29 24.79 -14.19
CA ARG A 320 4.40 23.62 -13.31
C ARG A 320 3.53 23.82 -12.10
N LEU A 321 2.87 22.75 -11.66
CA LEU A 321 2.20 22.78 -10.37
C LEU A 321 2.97 21.88 -9.44
N TYR A 322 3.41 22.45 -8.33
CA TYR A 322 3.99 21.65 -7.23
C TYR A 322 2.95 21.58 -6.12
N ALA A 323 2.65 20.37 -5.63
CA ALA A 323 1.60 20.23 -4.64
C ALA A 323 1.83 19.07 -3.70
N THR A 324 1.21 19.21 -2.54
CA THR A 324 1.16 18.12 -1.57
C THR A 324 0.00 18.37 -0.61
N ALA A 325 -0.26 17.41 0.28
CA ALA A 325 -1.29 17.58 1.26
C ALA A 325 -0.92 16.81 2.51
N LEU A 326 -1.36 17.31 3.66
CA LEU A 326 -1.43 16.48 4.86
C LEU A 326 -2.83 15.91 4.85
N GLY A 327 -2.96 14.69 4.34
CA GLY A 327 -4.28 14.19 3.90
C GLY A 327 -4.12 13.64 2.50
N LEU A 328 -5.14 13.84 1.67
CA LEU A 328 -5.05 13.48 0.27
C LEU A 328 -5.62 14.63 -0.52
N TYR A 329 -5.19 14.76 -1.76
CA TYR A 329 -5.75 15.80 -2.60
C TYR A 329 -5.87 15.35 -4.04
N GLU A 330 -6.70 16.09 -4.78
CA GLU A 330 -6.78 16.01 -6.23
C GLU A 330 -6.97 17.42 -6.74
N ALA A 331 -6.06 17.85 -7.61
CA ALA A 331 -6.05 19.20 -8.11
C ALA A 331 -6.64 19.30 -9.51
N HIS A 332 -7.21 20.47 -9.79
CA HIS A 332 -7.87 20.79 -11.05
C HIS A 332 -7.46 22.19 -11.45
N LEU A 333 -7.31 22.41 -12.75
CA LEU A 333 -6.94 23.73 -13.26
C LEU A 333 -7.73 24.02 -14.54
N ASN A 334 -8.50 25.10 -14.51
CA ASN A 334 -9.28 25.53 -15.68
C ASN A 334 -10.13 24.41 -16.28
N GLY A 335 -10.86 23.71 -15.42
CA GLY A 335 -11.80 22.67 -15.85
C GLY A 335 -11.22 21.31 -16.20
N ARG A 336 -9.94 21.09 -15.92
CA ARG A 336 -9.27 19.85 -16.27
C ARG A 336 -8.50 19.32 -15.05
N ARG A 337 -8.72 18.05 -14.75
CA ARG A 337 -8.03 17.41 -13.67
C ARG A 337 -6.52 17.41 -13.92
N VAL A 338 -5.73 17.71 -12.90
CA VAL A 338 -4.28 17.75 -13.05
C VAL A 338 -3.70 16.33 -12.80
N GLY A 339 -3.04 15.79 -13.82
CA GLY A 339 -2.36 14.48 -13.73
C GLY A 339 -3.32 13.29 -13.67
N ARG A 340 -2.80 12.13 -13.33
CA ARG A 340 -3.58 10.90 -13.24
CA ARG A 340 -3.65 10.94 -13.18
C ARG A 340 -3.23 10.10 -11.98
N ASP A 341 -2.76 10.79 -10.94
CA ASP A 341 -2.40 10.13 -9.68
C ASP A 341 -3.65 9.91 -8.85
N GLN A 342 -3.62 8.85 -8.05
CA GLN A 342 -4.67 8.56 -7.07
C GLN A 342 -4.06 8.60 -5.69
N LEU A 343 -4.82 9.06 -4.70
CA LEU A 343 -4.39 9.03 -3.31
C LEU A 343 -3.09 9.78 -3.07
N ALA A 344 -2.86 10.86 -3.83
CA ALA A 344 -1.66 11.69 -3.64
C ALA A 344 -1.80 12.35 -2.26
N PRO A 345 -0.69 12.51 -1.51
CA PRO A 345 0.72 12.29 -1.83
C PRO A 345 1.24 10.94 -1.33
N GLY A 346 0.37 10.09 -0.78
CA GLY A 346 0.84 8.80 -0.25
C GLY A 346 1.15 8.91 1.25
N TRP A 347 1.52 7.78 1.83
CA TRP A 347 1.70 7.64 3.27
C TRP A 347 3.17 7.68 3.61
N THR A 348 3.58 8.71 4.37
CA THR A 348 4.89 8.73 5.03
C THR A 348 4.65 9.11 6.50
N ASP A 349 5.68 9.01 7.34
CA ASP A 349 5.54 9.65 8.67
C ASP A 349 5.54 11.17 8.48
N TYR A 350 4.34 11.75 8.47
CA TYR A 350 4.17 13.16 8.13
C TYR A 350 4.87 14.13 9.06
N ARG A 351 5.24 13.67 10.25
CA ARG A 351 6.02 14.49 11.19
C ARG A 351 7.40 14.72 10.60
N LYS A 352 7.94 13.69 9.91
CA LYS A 352 9.31 13.73 9.43
C LYS A 352 9.40 14.17 7.97
N ARG A 353 8.46 13.71 7.14
CA ARG A 353 8.51 14.06 5.71
C ARG A 353 7.12 13.92 5.09
N VAL A 354 6.85 14.75 4.10
CA VAL A 354 5.68 14.56 3.24
C VAL A 354 6.19 14.62 1.80
N GLN A 355 5.65 13.78 0.92
CA GLN A 355 6.13 13.75 -0.47
C GLN A 355 5.34 14.74 -1.31
N TYR A 356 6.00 15.44 -2.24
CA TYR A 356 5.31 16.38 -3.11
C TYR A 356 5.40 15.91 -4.55
N GLN A 357 4.41 16.35 -5.33
CA GLN A 357 4.27 15.97 -6.74
C GLN A 357 4.50 17.19 -7.63
N THR A 358 5.03 16.93 -8.82
CA THR A 358 5.27 17.96 -9.83
C THR A 358 4.49 17.58 -11.08
N TYR A 359 3.69 18.52 -11.59
CA TYR A 359 2.87 18.28 -12.76
C TYR A 359 3.17 19.32 -13.83
N ASP A 360 3.22 18.87 -15.07
CA ASP A 360 3.34 19.76 -16.21
C ASP A 360 1.94 20.26 -16.59
N VAL A 361 1.69 21.56 -16.43
CA VAL A 361 0.37 22.15 -16.74
C VAL A 361 0.48 23.29 -17.76
N THR A 362 1.55 23.25 -18.54
CA THR A 362 1.78 24.24 -19.59
C THR A 362 0.54 24.44 -20.47
N SER A 363 -0.07 23.36 -20.94
CA SER A 363 -1.19 23.48 -21.89
C SER A 363 -2.51 23.88 -21.23
N SER A 364 -2.57 23.85 -19.89
CA SER A 364 -3.80 24.17 -19.16
CA SER A 364 -3.80 24.15 -19.16
C SER A 364 -3.94 25.62 -18.75
N VAL A 365 -2.81 26.31 -18.57
CA VAL A 365 -2.87 27.72 -18.14
C VAL A 365 -3.44 28.61 -19.26
N ARG A 366 -4.06 29.73 -18.89
CA ARG A 366 -4.73 30.63 -19.84
C ARG A 366 -4.28 32.07 -19.69
N PRO A 367 -4.34 32.87 -20.78
CA PRO A 367 -4.28 34.31 -20.58
C PRO A 367 -5.52 34.79 -19.86
N GLY A 368 -5.38 35.80 -19.00
CA GLY A 368 -6.53 36.33 -18.30
C GLY A 368 -6.95 35.43 -17.15
N ALA A 369 -8.24 35.10 -17.11
CA ALA A 369 -8.83 34.48 -15.93
C ALA A 369 -8.53 32.99 -15.85
N ASN A 370 -8.10 32.56 -14.67
CA ASN A 370 -7.74 31.16 -14.43
C ASN A 370 -8.39 30.74 -13.10
N ALA A 371 -8.58 29.44 -12.91
CA ALA A 371 -8.97 28.90 -11.60
C ALA A 371 -8.15 27.66 -11.26
N LEU A 372 -7.62 27.64 -10.06
CA LEU A 372 -6.96 26.48 -9.51
C LEU A 372 -7.84 25.95 -8.38
N ALA A 373 -7.99 24.62 -8.29
CA ALA A 373 -8.95 24.06 -7.33
C ALA A 373 -8.48 22.70 -6.83
N ALA A 374 -8.95 22.28 -5.65
CA ALA A 374 -8.57 20.94 -5.18
C ALA A 374 -9.64 20.37 -4.27
N TYR A 375 -9.81 19.04 -4.31
CA TYR A 375 -10.43 18.29 -3.22
C TYR A 375 -9.34 17.98 -2.22
N VAL A 376 -9.66 18.08 -0.93
CA VAL A 376 -8.70 17.77 0.14
C VAL A 376 -9.41 16.85 1.15
N ALA A 377 -8.88 15.64 1.33
CA ALA A 377 -9.51 14.62 2.19
C ALA A 377 -8.60 14.13 3.33
N PRO A 378 -9.16 13.44 4.34
CA PRO A 378 -8.37 12.98 5.49
C PRO A 378 -7.25 11.96 5.23
N GLY A 379 -7.47 10.95 4.35
CA GLY A 379 -6.41 9.95 4.05
C GLY A 379 -5.84 9.27 5.27
N TRP A 380 -4.55 8.94 5.23
CA TRP A 380 -3.83 8.35 6.36
C TRP A 380 -3.51 9.41 7.41
N TYR A 381 -3.42 10.67 6.98
CA TYR A 381 -3.05 11.75 7.90
C TYR A 381 -4.09 11.92 9.04
N ALA A 382 -5.38 11.91 8.67
CA ALA A 382 -6.45 12.24 9.61
C ALA A 382 -7.57 11.20 9.65
N GLY A 383 -7.62 10.32 8.65
CA GLY A 383 -8.68 9.30 8.60
C GLY A 383 -8.34 8.06 9.40
N ASN A 384 -9.27 7.09 9.40
CA ASN A 384 -9.01 5.80 10.06
C ASN A 384 -7.77 5.10 9.50
N VAL A 385 -6.92 4.58 10.38
CA VAL A 385 -5.71 3.87 9.97
C VAL A 385 -5.64 2.57 10.75
N GLY A 386 -5.49 1.46 10.04
CA GLY A 386 -5.44 0.12 10.66
C GLY A 386 -6.56 -0.13 11.65
N MET A 387 -6.22 -0.75 12.77
CA MET A 387 -7.15 -1.04 13.86
C MET A 387 -7.20 0.10 14.89
N PHE A 388 -6.79 1.30 14.49
CA PHE A 388 -6.42 2.35 15.45
C PHE A 388 -7.27 3.62 15.42
N GLY A 389 -8.26 3.69 14.54
CA GLY A 389 -9.11 4.88 14.48
C GLY A 389 -8.46 6.07 13.80
N PRO A 390 -9.11 7.25 13.89
CA PRO A 390 -8.70 8.39 13.10
C PRO A 390 -7.72 9.32 13.81
N HIS A 391 -7.38 10.40 13.13
CA HIS A 391 -6.51 11.46 13.68
C HIS A 391 -5.15 10.98 14.17
N GLN A 392 -4.52 10.09 13.41
CA GLN A 392 -3.21 9.58 13.79
C GLN A 392 -2.13 10.65 13.78
N TYR A 393 -2.16 11.54 12.79
CA TYR A 393 -1.14 12.58 12.65
C TYR A 393 -1.69 13.99 12.86
N GLY A 394 -2.97 14.18 12.56
CA GLY A 394 -3.62 15.49 12.75
C GLY A 394 -5.12 15.38 12.70
N GLU A 395 -5.81 16.48 12.99
CA GLU A 395 -7.27 16.50 13.13
C GLU A 395 -7.98 16.73 11.80
N ARG A 396 -7.32 17.43 10.90
CA ARG A 396 -7.96 17.79 9.64
C ARG A 396 -6.94 18.00 8.56
N PRO A 397 -7.37 17.78 7.30
CA PRO A 397 -6.38 17.84 6.23
C PRO A 397 -6.01 19.25 5.79
N ALA A 398 -4.82 19.37 5.19
CA ALA A 398 -4.31 20.65 4.72
C ALA A 398 -3.68 20.47 3.35
N LEU A 399 -3.68 21.54 2.55
CA LEU A 399 -3.16 21.58 1.18
C LEU A 399 -1.98 22.54 1.09
N LEU A 400 -0.97 22.18 0.31
CA LEU A 400 0.11 23.11 -0.05
C LEU A 400 0.23 23.08 -1.57
N ALA A 401 0.10 24.23 -2.22
CA ALA A 401 0.12 24.27 -3.69
C ALA A 401 0.85 25.51 -4.20
N GLN A 402 1.69 25.29 -5.22
CA GLN A 402 2.46 26.39 -5.80
C GLN A 402 2.52 26.19 -7.32
N LEU A 403 1.89 27.14 -8.04
CA LEU A 403 1.81 27.10 -9.49
C LEU A 403 2.79 28.14 -9.99
N GLU A 404 3.71 27.71 -10.86
CA GLU A 404 4.74 28.59 -11.44
C GLU A 404 4.57 28.67 -12.95
N VAL A 405 4.39 29.88 -13.46
CA VAL A 405 4.22 30.08 -14.90
C VAL A 405 5.38 30.92 -15.41
N GLU A 406 6.07 30.40 -16.41
CA GLU A 406 7.21 31.08 -17.05
C GLU A 406 6.80 31.52 -18.43
N TYR A 407 7.13 32.75 -18.79
CA TYR A 407 6.73 33.35 -20.06
C TYR A 407 7.93 33.49 -20.98
N ALA A 408 7.66 33.56 -22.28
CA ALA A 408 8.72 33.59 -23.29
C ALA A 408 9.62 34.81 -23.16
N ASP A 409 9.11 35.90 -22.57
CA ASP A 409 9.94 37.11 -22.37
C ASP A 409 10.87 37.02 -21.14
N GLY A 410 10.84 35.86 -20.47
CA GLY A 410 11.68 35.59 -19.29
C GLY A 410 11.03 35.98 -17.96
N THR A 411 9.82 36.53 -18.02
CA THR A 411 9.08 36.87 -16.80
C THR A 411 8.35 35.63 -16.26
N SER A 412 7.85 35.73 -15.05
CA SER A 412 7.12 34.61 -14.47
C SER A 412 6.07 35.11 -13.48
N GLU A 413 5.12 34.22 -13.17
CA GLU A 413 4.13 34.48 -12.13
C GLU A 413 4.08 33.26 -11.23
N ARG A 414 3.79 33.50 -9.96
CA ARG A 414 3.67 32.42 -9.00
C ARG A 414 2.33 32.58 -8.28
N ILE A 415 1.55 31.50 -8.24
CA ILE A 415 0.25 31.52 -7.58
C ILE A 415 0.34 30.48 -6.50
N THR A 416 -0.04 30.82 -5.29
CA THR A 416 0.13 29.85 -4.19
C THR A 416 -1.14 29.67 -3.36
N SER A 417 -1.22 28.52 -2.70
CA SER A 417 -2.17 28.33 -1.61
C SER A 417 -1.92 29.41 -0.54
N GLY A 418 -3.01 29.98 -0.04
CA GLY A 418 -2.94 31.02 0.96
C GLY A 418 -4.31 31.49 1.40
N PRO A 419 -4.34 32.54 2.25
CA PRO A 419 -5.57 33.01 2.91
C PRO A 419 -6.69 33.50 1.98
N ASP A 420 -6.37 33.78 0.72
CA ASP A 420 -7.38 34.28 -0.21
CA ASP A 420 -7.36 34.27 -0.25
C ASP A 420 -8.26 33.18 -0.83
N TRP A 421 -7.88 31.91 -0.64
CA TRP A 421 -8.64 30.79 -1.18
C TRP A 421 -9.99 30.64 -0.48
N ARG A 422 -10.94 29.99 -1.15
CA ARG A 422 -12.28 29.80 -0.59
C ARG A 422 -12.67 28.33 -0.61
N ALA A 423 -13.59 27.96 0.27
CA ALA A 423 -13.94 26.55 0.51
C ALA A 423 -15.44 26.31 0.56
N ALA A 424 -15.84 25.09 0.17
CA ALA A 424 -17.24 24.64 0.29
C ALA A 424 -17.26 23.14 0.50
N SER A 425 -18.37 22.63 1.01
CA SER A 425 -18.51 21.20 1.27
CA SER A 425 -18.53 21.19 1.27
C SER A 425 -18.47 20.37 -0.01
N GLY A 426 -19.21 20.81 -1.04
CA GLY A 426 -19.28 20.03 -2.28
C GLY A 426 -19.98 18.69 -2.04
N PRO A 427 -19.79 17.73 -2.97
CA PRO A 427 -20.54 16.47 -2.93
C PRO A 427 -19.91 15.33 -2.11
N ILE A 428 -18.62 15.41 -1.79
CA ILE A 428 -17.99 14.33 -1.02
C ILE A 428 -18.18 14.51 0.49
N VAL A 429 -19.28 13.94 0.96
CA VAL A 429 -19.76 14.12 2.33
C VAL A 429 -18.82 13.44 3.32
N SER A 430 -18.31 12.28 2.95
CA SER A 430 -17.38 11.56 3.82
C SER A 430 -16.41 10.77 2.94
N ALA A 431 -15.15 10.71 3.36
CA ALA A 431 -14.14 9.96 2.60
C ALA A 431 -13.11 9.39 3.55
N ASP A 432 -13.06 8.06 3.63
CA ASP A 432 -12.17 7.40 4.55
C ASP A 432 -11.59 6.17 3.85
N LEU A 433 -10.29 5.92 4.02
CA LEU A 433 -9.66 4.79 3.31
C LEU A 433 -10.31 3.46 3.65
N LEU A 434 -10.69 3.30 4.92
CA LEU A 434 -11.26 2.07 5.42
C LEU A 434 -12.78 2.02 5.33
N SER A 435 -13.44 3.11 5.73
CA SER A 435 -14.91 3.10 5.82
C SER A 435 -15.59 3.23 4.47
N GLY A 436 -14.92 3.94 3.56
CA GLY A 436 -15.44 4.21 2.22
C GLY A 436 -15.73 5.68 1.99
N GLU A 437 -16.30 5.96 0.82
CA GLU A 437 -16.66 7.34 0.42
C GLU A 437 -18.17 7.48 0.26
N THR A 438 -18.71 8.63 0.68
CA THR A 438 -20.13 8.93 0.58
C THR A 438 -20.23 10.20 -0.26
N TYR A 439 -20.96 10.12 -1.36
CA TYR A 439 -21.02 11.19 -2.37
C TYR A 439 -22.50 11.49 -2.66
N ASP A 440 -22.86 12.76 -2.64
CA ASP A 440 -24.21 13.20 -2.97
C ASP A 440 -24.13 14.14 -4.17
N ALA A 441 -24.55 13.65 -5.33
CA ALA A 441 -24.39 14.37 -6.58
C ALA A 441 -25.23 15.65 -6.63
N ARG A 442 -26.25 15.73 -5.80
CA ARG A 442 -27.06 16.95 -5.67
C ARG A 442 -26.28 18.10 -5.06
N LYS A 443 -25.20 17.77 -4.37
CA LYS A 443 -24.37 18.78 -3.71
C LYS A 443 -23.21 19.23 -4.60
N GLU A 444 -23.16 18.79 -5.86
CA GLU A 444 -22.12 19.26 -6.78
C GLU A 444 -22.27 20.76 -7.03
N THR A 445 -21.15 21.42 -7.31
CA THR A 445 -21.12 22.85 -7.59
C THR A 445 -20.54 23.02 -9.01
N ALA A 446 -21.39 22.84 -10.03
CA ALA A 446 -20.94 22.80 -11.42
C ALA A 446 -20.17 24.06 -11.78
N GLY A 447 -18.98 23.86 -12.34
CA GLY A 447 -18.16 24.97 -12.80
C GLY A 447 -17.07 25.43 -11.83
N TRP A 448 -17.02 24.85 -10.63
CA TRP A 448 -16.10 25.32 -9.58
C TRP A 448 -14.60 25.20 -9.95
N THR A 449 -14.25 24.37 -10.93
CA THR A 449 -12.82 24.22 -11.26
C THR A 449 -12.44 25.10 -12.45
N SER A 450 -13.38 25.95 -12.86
CA SER A 450 -13.20 26.91 -13.96
C SER A 450 -13.34 28.35 -13.50
N PRO A 451 -12.72 29.30 -14.23
CA PRO A 451 -12.88 30.71 -13.89
C PRO A 451 -14.30 31.20 -14.18
N GLY A 452 -14.65 32.39 -13.68
CA GLY A 452 -16.00 32.97 -13.85
C GLY A 452 -17.03 32.36 -12.90
N PHE A 453 -16.57 31.59 -11.92
CA PHE A 453 -17.49 30.88 -11.00
C PHE A 453 -17.95 31.77 -9.85
N ASP A 454 -19.22 31.68 -9.48
CA ASP A 454 -19.74 32.46 -8.34
C ASP A 454 -19.50 31.74 -7.00
N ASP A 455 -18.44 32.13 -6.29
CA ASP A 455 -18.12 31.58 -4.96
C ASP A 455 -18.28 32.56 -3.79
N ARG A 456 -19.15 33.56 -3.95
CA ARG A 456 -19.41 34.53 -2.87
C ARG A 456 -19.86 33.88 -1.55
N ALA A 457 -20.65 32.82 -1.66
CA ALA A 457 -21.17 32.09 -0.51
C ALA A 457 -20.26 30.95 -0.02
N TRP A 458 -19.13 30.73 -0.71
CA TRP A 458 -18.06 29.89 -0.17
C TRP A 458 -17.39 30.61 1.00
N LEU A 459 -16.71 29.85 1.86
CA LEU A 459 -16.09 30.37 3.09
C LEU A 459 -14.60 30.59 2.93
N ALA A 460 -14.06 31.59 3.61
CA ALA A 460 -12.61 31.77 3.63
C ALA A 460 -11.93 30.54 4.22
N VAL A 461 -10.83 30.12 3.60
CA VAL A 461 -10.00 29.04 4.15
C VAL A 461 -9.32 29.49 5.45
N ARG A 462 -8.84 28.55 6.24
CA ARG A 462 -8.02 28.91 7.40
C ARG A 462 -6.60 28.50 7.12
N GLY A 463 -5.67 29.18 7.78
CA GLY A 463 -4.30 28.70 7.85
C GLY A 463 -4.34 27.44 8.66
N ALA A 464 -3.67 26.41 8.17
CA ALA A 464 -3.68 25.10 8.82
C ALA A 464 -2.98 25.16 10.18
N ASP A 465 -3.50 24.46 11.18
CA ASP A 465 -2.85 24.40 12.49
C ASP A 465 -2.06 23.12 12.66
N ASN A 466 -1.92 22.40 11.55
CA ASN A 466 -1.17 21.15 11.49
C ASN A 466 0.30 21.34 11.82
N ASP A 467 0.87 20.38 12.54
CA ASP A 467 2.32 20.28 12.67
C ASP A 467 2.97 20.28 11.29
N VAL A 468 3.96 21.14 11.10
CA VAL A 468 4.69 21.25 9.84
C VAL A 468 5.63 20.04 9.70
N PRO A 469 5.53 19.27 8.58
CA PRO A 469 6.54 18.23 8.36
C PRO A 469 7.97 18.78 8.41
N GLU A 470 8.93 18.03 8.94
CA GLU A 470 10.33 18.51 8.92
C GLU A 470 10.86 18.73 7.50
N GLN A 471 10.44 17.87 6.58
CA GLN A 471 10.94 17.91 5.21
C GLN A 471 9.80 17.76 4.21
N ILE A 472 9.89 18.46 3.10
CA ILE A 472 8.97 18.30 1.96
C ILE A 472 9.85 17.75 0.83
N VAL A 473 9.61 16.48 0.46
CA VAL A 473 10.55 15.77 -0.41
C VAL A 473 9.88 15.32 -1.70
N ALA A 474 10.60 15.37 -2.81
CA ALA A 474 10.05 14.89 -4.09
C ALA A 474 9.65 13.42 -3.95
N GLN A 475 8.49 13.05 -4.49
CA GLN A 475 8.01 11.69 -4.34
C GLN A 475 9.03 10.70 -4.92
N VAL A 476 9.33 9.65 -4.16
CA VAL A 476 10.38 8.69 -4.51
C VAL A 476 9.78 7.50 -5.27
N ASP A 477 8.69 6.95 -4.76
CA ASP A 477 8.02 5.83 -5.43
C ASP A 477 7.15 6.28 -6.61
N GLY A 478 6.72 5.33 -7.43
CA GLY A 478 5.76 5.61 -8.49
C GLY A 478 4.44 5.94 -7.83
N PRO A 479 3.84 7.08 -8.17
CA PRO A 479 2.53 7.44 -7.65
C PRO A 479 1.51 6.33 -7.93
N VAL A 480 0.54 6.16 -7.05
CA VAL A 480 -0.57 5.25 -7.32
C VAL A 480 -1.36 5.75 -8.55
N ARG A 481 -1.58 4.86 -9.54
CA ARG A 481 -2.40 5.21 -10.70
C ARG A 481 -3.27 4.03 -11.09
N ILE A 482 -4.37 4.30 -11.78
CA ILE A 482 -5.19 3.21 -12.32
C ILE A 482 -4.42 2.52 -13.43
N ALA A 483 -4.26 1.21 -13.30
CA ALA A 483 -3.45 0.44 -14.24
C ALA A 483 -4.30 -0.38 -15.19
N LYS A 484 -5.55 -0.67 -14.81
CA LYS A 484 -6.41 -1.58 -15.56
C LYS A 484 -7.83 -1.45 -15.05
N GLU A 485 -8.80 -1.69 -15.93
CA GLU A 485 -10.20 -1.80 -15.55
C GLU A 485 -10.66 -3.26 -15.65
N LEU A 486 -11.48 -3.69 -14.69
CA LEU A 486 -12.09 -5.02 -14.69
C LEU A 486 -13.62 -4.92 -14.79
N PRO A 487 -14.17 -5.15 -15.98
CA PRO A 487 -15.64 -5.11 -16.09
C PRO A 487 -16.26 -6.23 -15.26
N ALA A 488 -17.46 -6.02 -14.73
CA ALA A 488 -18.16 -7.10 -14.06
C ALA A 488 -18.39 -8.23 -15.05
N ARG A 489 -18.21 -9.46 -14.60
CA ARG A 489 -18.29 -10.63 -15.49
C ARG A 489 -19.65 -11.31 -15.44
N LYS A 490 -20.40 -11.02 -14.37
CA LYS A 490 -21.78 -11.50 -14.21
C LYS A 490 -22.46 -10.77 -13.06
N VAL A 491 -23.78 -10.77 -13.11
CA VAL A 491 -24.63 -10.22 -12.06
C VAL A 491 -25.52 -11.34 -11.53
N THR A 492 -25.58 -11.44 -10.20
CA THR A 492 -26.50 -12.35 -9.53
C THR A 492 -27.41 -11.54 -8.59
N GLU A 493 -28.56 -12.10 -8.23
CA GLU A 493 -29.46 -11.49 -7.26
C GLU A 493 -29.77 -12.52 -6.19
N PRO A 494 -28.85 -12.72 -5.22
CA PRO A 494 -29.03 -13.78 -4.22
C PRO A 494 -30.12 -13.51 -3.17
N LYS A 495 -30.50 -12.25 -2.98
CA LYS A 495 -31.64 -11.86 -2.17
C LYS A 495 -32.38 -10.77 -2.96
N PRO A 496 -33.73 -10.68 -2.80
CA PRO A 496 -34.46 -9.70 -3.61
C PRO A 496 -33.86 -8.30 -3.47
N GLY A 497 -33.55 -7.68 -4.62
CA GLY A 497 -32.99 -6.33 -4.68
C GLY A 497 -31.56 -6.17 -4.16
N VAL A 498 -30.88 -7.28 -3.91
CA VAL A 498 -29.48 -7.27 -3.49
C VAL A 498 -28.70 -7.95 -4.60
N PHE A 499 -27.96 -7.16 -5.37
CA PHE A 499 -27.24 -7.69 -6.52
C PHE A 499 -25.77 -7.84 -6.18
N VAL A 500 -25.17 -8.91 -6.66
CA VAL A 500 -23.74 -9.17 -6.45
C VAL A 500 -23.10 -9.29 -7.82
N LEU A 501 -22.05 -8.51 -8.03
CA LEU A 501 -21.37 -8.45 -9.31
C LEU A 501 -19.98 -8.98 -9.10
N ASP A 502 -19.58 -9.92 -9.95
CA ASP A 502 -18.30 -10.63 -9.79
C ASP A 502 -17.34 -10.10 -10.82
N LEU A 503 -16.21 -9.54 -10.35
CA LEU A 503 -15.22 -8.96 -11.27
C LEU A 503 -14.24 -10.03 -11.77
N GLY A 504 -14.28 -11.21 -11.15
CA GLY A 504 -13.48 -12.38 -11.58
C GLY A 504 -12.06 -12.41 -11.05
N GLN A 505 -11.68 -11.37 -10.33
CA GLN A 505 -10.31 -11.28 -9.79
C GLN A 505 -10.39 -10.50 -8.49
N ASN A 506 -9.72 -10.97 -7.45
CA ASN A 506 -9.62 -10.20 -6.22
C ASN A 506 -8.64 -9.04 -6.48
N MET A 507 -9.20 -7.82 -6.55
CA MET A 507 -8.46 -6.63 -6.98
C MET A 507 -8.41 -5.56 -5.89
N VAL A 508 -7.62 -4.51 -6.11
CA VAL A 508 -7.55 -3.41 -5.13
C VAL A 508 -7.73 -2.10 -5.86
N GLY A 509 -8.62 -1.25 -5.34
CA GLY A 509 -8.94 0.00 -6.01
C GLY A 509 -10.34 0.39 -5.63
N SER A 510 -11.11 0.85 -6.60
CA SER A 510 -12.51 1.18 -6.36
C SER A 510 -13.26 1.08 -7.69
N VAL A 511 -14.57 1.16 -7.66
CA VAL A 511 -15.33 0.91 -8.89
C VAL A 511 -15.74 2.20 -9.60
N ARG A 512 -16.12 2.08 -10.86
CA ARG A 512 -16.97 3.07 -11.51
C ARG A 512 -18.39 2.54 -11.53
N LEU A 513 -19.32 3.33 -11.02
CA LEU A 513 -20.75 2.99 -11.03
C LEU A 513 -21.43 3.81 -12.12
N ARG A 514 -22.24 3.14 -12.94
CA ARG A 514 -23.11 3.82 -13.91
C ARG A 514 -24.55 3.52 -13.52
N VAL A 515 -25.36 4.56 -13.43
CA VAL A 515 -26.70 4.43 -12.87
C VAL A 515 -27.59 5.58 -13.36
N SER A 516 -28.85 5.26 -13.66
CA SER A 516 -29.85 6.26 -14.04
C SER A 516 -31.05 6.11 -13.16
N GLY A 517 -31.59 7.24 -12.71
CA GLY A 517 -32.81 7.20 -11.86
C GLY A 517 -33.13 8.54 -11.24
N ASP A 518 -34.13 8.54 -10.35
CA ASP A 518 -34.59 9.77 -9.72
C ASP A 518 -33.57 10.40 -8.81
N ALA A 519 -33.49 11.74 -8.84
CA ALA A 519 -32.67 12.49 -7.87
C ALA A 519 -33.02 12.07 -6.45
N GLY A 520 -32.00 11.92 -5.59
CA GLY A 520 -32.22 11.49 -4.22
C GLY A 520 -32.21 9.98 -3.98
N THR A 521 -32.26 9.17 -5.04
CA THR A 521 -32.08 7.72 -4.91
C THR A 521 -30.66 7.48 -4.39
N THR A 522 -30.52 6.60 -3.39
CA THR A 522 -29.18 6.28 -2.84
C THR A 522 -28.77 4.86 -3.10
N VAL A 523 -27.66 4.68 -3.81
CA VAL A 523 -27.10 3.34 -4.09
C VAL A 523 -25.96 3.08 -3.14
N ARG A 524 -25.95 1.89 -2.54
CA ARG A 524 -24.90 1.47 -1.63
C ARG A 524 -24.05 0.36 -2.27
N LEU A 525 -22.72 0.51 -2.19
CA LEU A 525 -21.79 -0.46 -2.77
C LEU A 525 -20.94 -1.02 -1.64
N ARG A 526 -21.11 -2.32 -1.35
CA ARG A 526 -20.24 -3.01 -0.40
C ARG A 526 -19.30 -3.91 -1.18
N HIS A 527 -18.12 -4.14 -0.64
CA HIS A 527 -17.03 -4.80 -1.36
C HIS A 527 -16.54 -5.98 -0.52
N ALA A 528 -16.34 -7.13 -1.16
CA ALA A 528 -15.94 -8.36 -0.43
C ALA A 528 -14.95 -9.18 -1.21
N GLU A 529 -14.09 -9.89 -0.50
CA GLU A 529 -13.10 -10.74 -1.16
C GLU A 529 -13.72 -12.08 -1.57
N VAL A 530 -14.74 -12.52 -0.82
CA VAL A 530 -15.32 -13.87 -0.98
C VAL A 530 -16.84 -13.86 -0.77
N LEU A 531 -17.50 -14.97 -1.11
CA LEU A 531 -18.94 -15.09 -0.96
C LEU A 531 -19.31 -16.14 0.05
N ASN A 532 -20.52 -16.01 0.59
CA ASN A 532 -21.13 -17.07 1.38
C ASN A 532 -21.62 -18.18 0.46
N PRO A 533 -21.89 -19.39 1.01
CA PRO A 533 -22.40 -20.46 0.12
C PRO A 533 -23.70 -20.10 -0.63
N ASP A 534 -24.51 -19.19 -0.09
CA ASP A 534 -25.75 -18.75 -0.77
C ASP A 534 -25.58 -17.63 -1.81
N GLY A 535 -24.34 -17.22 -2.05
CA GLY A 535 -24.07 -16.21 -3.07
C GLY A 535 -24.10 -14.78 -2.55
N THR A 536 -24.40 -14.59 -1.28
CA THR A 536 -24.31 -13.23 -0.67
C THR A 536 -22.86 -12.92 -0.31
N ILE A 537 -22.49 -11.65 -0.25
CA ILE A 537 -21.09 -11.33 0.09
C ILE A 537 -20.77 -11.59 1.57
N TYR A 538 -19.54 -12.01 1.81
CA TYR A 538 -19.05 -12.29 3.14
C TYR A 538 -18.07 -11.17 3.49
N THR A 539 -18.32 -10.46 4.58
CA THR A 539 -17.51 -9.30 4.96
C THR A 539 -16.95 -9.40 6.38
N ALA A 540 -17.27 -10.48 7.12
CA ALA A 540 -16.82 -10.57 8.52
C ALA A 540 -15.28 -10.44 8.68
N ASN A 541 -14.53 -10.92 7.69
CA ASN A 541 -13.07 -10.86 7.75
C ASN A 541 -12.51 -9.42 7.57
N LEU A 542 -13.37 -8.48 7.15
CA LEU A 542 -12.96 -7.07 7.02
C LEU A 542 -12.90 -6.40 8.38
N ARG A 543 -13.50 -7.05 9.38
CA ARG A 543 -13.52 -6.55 10.76
C ARG A 543 -14.16 -5.16 10.78
N SER A 544 -13.50 -4.13 11.31
CA SER A 544 -14.13 -2.83 11.42
C SER A 544 -14.15 -1.97 10.14
N ALA A 545 -13.47 -2.42 9.09
CA ALA A 545 -13.50 -1.66 7.82
C ALA A 545 -14.80 -1.91 7.03
N ALA A 546 -15.66 -0.87 6.95
CA ALA A 546 -16.95 -1.00 6.26
C ALA A 546 -16.78 -1.22 4.76
N ALA A 547 -15.74 -0.61 4.18
CA ALA A 547 -15.48 -0.65 2.72
C ALA A 547 -16.78 -0.49 1.92
N THR A 548 -17.52 0.54 2.26
CA THR A 548 -18.83 0.80 1.67
C THR A 548 -18.84 2.19 1.06
N ASP A 549 -19.20 2.27 -0.21
CA ASP A 549 -19.37 3.56 -0.88
C ASP A 549 -20.85 3.79 -1.16
N THR A 550 -21.26 5.04 -1.00
CA THR A 550 -22.67 5.42 -1.07
C THR A 550 -22.77 6.57 -2.06
N TYR A 551 -23.68 6.45 -3.02
CA TYR A 551 -23.84 7.50 -4.02
C TYR A 551 -25.29 7.89 -4.10
N THR A 552 -25.59 9.18 -3.91
CA THR A 552 -26.95 9.66 -4.08
C THR A 552 -27.08 10.38 -5.42
N LEU A 553 -28.07 9.98 -6.21
CA LEU A 553 -28.25 10.51 -7.57
C LEU A 553 -28.73 11.95 -7.64
N LYS A 554 -28.35 12.65 -8.71
CA LYS A 554 -28.83 14.00 -8.99
C LYS A 554 -29.98 13.99 -10.01
N GLY A 555 -30.25 12.81 -10.58
CA GLY A 555 -31.32 12.61 -11.57
C GLY A 555 -31.04 13.23 -12.92
N GLN A 556 -29.79 13.10 -13.38
CA GLN A 556 -29.41 13.63 -14.69
C GLN A 556 -28.80 12.54 -15.57
N GLY A 557 -29.65 11.74 -16.21
CA GLY A 557 -29.22 10.78 -17.22
C GLY A 557 -28.41 9.62 -16.67
N GLU A 558 -27.44 9.15 -17.45
CA GLU A 558 -26.64 8.00 -17.06
C GLU A 558 -25.44 8.48 -16.24
N GLU A 559 -25.67 8.60 -14.92
CA GLU A 559 -24.70 9.19 -14.01
C GLU A 559 -23.49 8.27 -13.81
N THR A 560 -22.33 8.88 -13.55
CA THR A 560 -21.08 8.14 -13.38
C THR A 560 -20.52 8.51 -12.02
N TYR A 561 -20.24 7.51 -11.19
CA TYR A 561 -19.61 7.75 -9.90
C TYR A 561 -18.29 6.98 -9.78
N GLU A 562 -17.22 7.70 -9.48
CA GLU A 562 -15.91 7.07 -9.28
C GLU A 562 -15.33 7.63 -7.98
N PRO A 563 -15.23 6.81 -6.92
CA PRO A 563 -14.63 7.32 -5.66
C PRO A 563 -13.21 7.86 -5.89
N ARG A 564 -12.76 8.73 -5.00
CA ARG A 564 -11.42 9.34 -5.13
C ARG A 564 -10.55 9.08 -3.91
N PHE A 565 -11.17 9.00 -2.73
CA PHE A 565 -10.40 9.11 -1.48
C PHE A 565 -10.59 7.91 -0.58
N THR A 566 -10.83 6.77 -1.23
CA THR A 566 -10.93 5.49 -0.52
C THR A 566 -10.39 4.41 -1.45
N PHE A 567 -10.09 3.23 -0.89
CA PHE A 567 -9.81 2.07 -1.73
C PHE A 567 -10.18 0.82 -0.96
N HIS A 568 -10.47 -0.25 -1.71
CA HIS A 568 -10.92 -1.49 -1.11
C HIS A 568 -10.21 -2.66 -1.77
N GLY A 569 -10.16 -3.78 -1.06
CA GLY A 569 -9.72 -5.06 -1.64
C GLY A 569 -10.91 -6.00 -1.80
N PHE A 570 -11.16 -6.45 -3.02
CA PHE A 570 -12.42 -7.15 -3.32
C PHE A 570 -12.42 -7.84 -4.67
N ARG A 571 -13.18 -8.93 -4.76
CA ARG A 571 -13.55 -9.54 -6.03
C ARG A 571 -15.02 -9.27 -6.36
N TYR A 572 -15.83 -9.08 -5.33
CA TYR A 572 -17.30 -9.00 -5.48
C TYR A 572 -17.82 -7.68 -4.96
N VAL A 573 -18.82 -7.12 -5.67
CA VAL A 573 -19.48 -5.86 -5.28
C VAL A 573 -20.96 -6.13 -5.11
N GLU A 574 -21.47 -5.81 -3.92
CA GLU A 574 -22.89 -5.90 -3.62
C GLU A 574 -23.52 -4.52 -3.81
N VAL A 575 -24.59 -4.50 -4.58
CA VAL A 575 -25.24 -3.25 -4.96
C VAL A 575 -26.65 -3.33 -4.36
N THR A 576 -26.99 -2.34 -3.52
CA THR A 576 -28.37 -2.19 -3.01
C THR A 576 -28.92 -0.79 -3.29
N GLY A 577 -30.24 -0.67 -3.41
CA GLY A 577 -30.86 0.64 -3.68
C GLY A 577 -30.76 1.08 -5.13
N PHE A 578 -30.33 0.15 -6.00
CA PHE A 578 -30.23 0.43 -7.44
C PHE A 578 -31.65 0.57 -8.04
N PRO A 579 -31.86 1.60 -8.88
CA PRO A 579 -33.17 1.72 -9.53
C PRO A 579 -33.28 0.73 -10.69
N GLY A 580 -34.05 -0.33 -10.51
CA GLY A 580 -34.16 -1.39 -11.51
C GLY A 580 -33.10 -2.45 -11.27
N LYS A 581 -32.59 -3.03 -12.34
CA LYS A 581 -31.63 -4.11 -12.18
C LYS A 581 -30.32 -3.73 -12.83
N PRO A 582 -29.21 -3.82 -12.08
CA PRO A 582 -27.92 -3.54 -12.70
C PRO A 582 -27.53 -4.59 -13.73
N SER A 583 -26.75 -4.19 -14.73
CA SER A 583 -26.15 -5.11 -15.67
C SER A 583 -24.64 -5.14 -15.43
N THR A 584 -23.93 -5.94 -16.22
CA THR A 584 -22.48 -6.03 -16.12
C THR A 584 -21.79 -4.68 -16.39
N THR A 585 -22.46 -3.80 -17.13
CA THR A 585 -21.90 -2.49 -17.43
C THR A 585 -22.05 -1.51 -16.27
N SER A 586 -22.88 -1.85 -15.28
CA SER A 586 -23.19 -0.94 -14.19
C SER A 586 -22.01 -0.72 -13.24
N VAL A 587 -21.14 -1.71 -13.14
CA VAL A 587 -19.98 -1.67 -12.21
C VAL A 587 -18.72 -2.14 -12.92
N THR A 588 -17.65 -1.35 -12.81
CA THR A 588 -16.33 -1.71 -13.40
C THR A 588 -15.25 -1.48 -12.34
N GLY A 589 -14.39 -2.47 -12.08
CA GLY A 589 -13.31 -2.28 -11.11
C GLY A 589 -12.20 -1.43 -11.72
N ARG A 590 -11.64 -0.52 -10.93
CA ARG A 590 -10.50 0.28 -11.38
C ARG A 590 -9.31 -0.12 -10.49
N VAL A 591 -8.37 -0.86 -11.08
CA VAL A 591 -7.25 -1.45 -10.35
C VAL A 591 -6.17 -0.36 -10.18
N MET A 592 -5.80 -0.11 -8.93
CA MET A 592 -4.87 0.96 -8.58
C MET A 592 -3.68 0.42 -7.83
N HIS A 593 -2.48 0.87 -8.21
CA HIS A 593 -1.25 0.54 -7.49
C HIS A 593 -0.10 1.45 -7.92
N THR A 594 1.05 1.32 -7.29
CA THR A 594 2.24 2.09 -7.72
C THR A 594 2.48 1.99 -9.25
N SER A 595 2.82 3.13 -9.87
CA SER A 595 3.04 3.16 -11.31
C SER A 595 4.42 2.63 -11.58
N ALA A 596 4.53 1.31 -11.62
CA ALA A 596 5.77 0.63 -11.98
C ALA A 596 5.47 -0.53 -12.92
N PRO A 597 6.38 -0.81 -13.89
CA PRO A 597 6.07 -1.84 -14.87
C PRO A 597 6.15 -3.26 -14.30
N PHE A 598 5.39 -4.17 -14.91
CA PHE A 598 5.57 -5.58 -14.62
C PHE A 598 6.79 -6.05 -15.40
N THR A 599 7.60 -6.88 -14.76
CA THR A 599 8.96 -7.15 -15.27
C THR A 599 9.29 -8.63 -15.43
N PHE A 600 8.28 -9.50 -15.31
CA PHE A 600 8.52 -10.93 -15.50
C PHE A 600 7.34 -11.59 -16.18
N GLU A 601 7.57 -12.05 -17.41
CA GLU A 601 6.60 -12.88 -18.12
C GLU A 601 6.99 -14.33 -17.94
N PHE A 602 6.02 -15.17 -17.58
CA PHE A 602 6.28 -16.57 -17.23
C PHE A 602 5.15 -17.42 -17.75
N GLU A 603 5.48 -18.45 -18.53
CA GLU A 603 4.46 -19.40 -19.00
C GLU A 603 5.04 -20.81 -19.06
N THR A 604 4.27 -21.78 -18.57
CA THR A 604 4.66 -23.19 -18.64
C THR A 604 3.57 -23.97 -19.37
N ASN A 605 3.82 -25.26 -19.62
CA ASN A 605 2.77 -26.16 -20.10
C ASN A 605 1.74 -26.54 -19.02
N VAL A 606 1.91 -26.04 -17.79
CA VAL A 606 1.08 -26.44 -16.65
C VAL A 606 0.10 -25.33 -16.20
N PRO A 607 -1.20 -25.44 -16.58
CA PRO A 607 -2.17 -24.38 -16.26
C PRO A 607 -2.14 -23.96 -14.78
N MET A 608 -1.97 -24.90 -13.87
CA MET A 608 -1.96 -24.57 -12.45
C MET A 608 -0.79 -23.65 -12.06
N LEU A 609 0.38 -23.89 -12.66
CA LEU A 609 1.53 -23.03 -12.37
C LEU A 609 1.36 -21.66 -12.99
N ASN A 610 0.75 -21.61 -14.17
CA ASN A 610 0.45 -20.33 -14.81
C ASN A 610 -0.50 -19.51 -13.94
N LYS A 611 -1.49 -20.17 -13.34
CA LYS A 611 -2.40 -19.50 -12.40
C LYS A 611 -1.69 -19.06 -11.12
N LEU A 612 -0.81 -19.90 -10.59
CA LEU A 612 -0.03 -19.53 -9.43
C LEU A 612 0.73 -18.22 -9.68
N HIS A 613 1.41 -18.15 -10.83
CA HIS A 613 2.16 -16.95 -11.21
C HIS A 613 1.24 -15.72 -11.32
N SER A 614 0.11 -15.86 -12.01
CA SER A 614 -0.86 -14.78 -12.06
C SER A 614 -1.25 -14.32 -10.64
N ASN A 615 -1.58 -15.26 -9.75
CA ASN A 615 -2.00 -14.93 -8.38
C ASN A 615 -0.93 -14.17 -7.59
N ILE A 616 0.33 -14.60 -7.76
CA ILE A 616 1.47 -13.91 -7.17
C ILE A 616 1.50 -12.43 -7.61
N THR A 617 1.36 -12.19 -8.91
CA THR A 617 1.46 -10.82 -9.45
C THR A 617 0.26 -10.00 -9.03
N TRP A 618 -0.89 -10.66 -8.84
CA TRP A 618 -2.07 -9.96 -8.31
C TRP A 618 -1.97 -9.63 -6.78
N GLY A 619 -1.42 -10.55 -5.99
CA GLY A 619 -1.17 -10.32 -4.57
C GLY A 619 -0.15 -9.21 -4.38
N GLN A 620 0.85 -9.17 -5.25
CA GLN A 620 1.85 -8.11 -5.16
C GLN A 620 1.22 -6.75 -5.49
N ARG A 621 0.58 -6.65 -6.65
CA ARG A 621 0.10 -5.33 -7.08
C ARG A 621 -0.98 -4.84 -6.14
N GLY A 622 -1.77 -5.77 -5.61
CA GLY A 622 -2.83 -5.38 -4.67
C GLY A 622 -2.30 -4.76 -3.38
N ASN A 623 -1.06 -5.10 -3.02
CA ASN A 623 -0.46 -4.63 -1.78
C ASN A 623 0.69 -3.63 -1.98
N PHE A 624 0.80 -3.08 -3.18
CA PHE A 624 1.85 -2.11 -3.49
C PHE A 624 1.18 -0.75 -3.79
N LEU A 625 0.47 -0.21 -2.80
CA LEU A 625 -0.18 1.11 -2.88
C LEU A 625 0.45 2.00 -1.79
N SER A 626 1.41 2.81 -2.21
CA SER A 626 2.18 3.74 -1.33
C SER A 626 3.16 3.05 -0.37
N VAL A 627 2.70 2.03 0.35
CA VAL A 627 3.56 1.24 1.23
C VAL A 627 3.28 -0.24 0.94
N PRO A 628 4.26 -1.13 1.14
CA PRO A 628 3.99 -2.56 0.96
C PRO A 628 3.17 -3.11 2.13
N THR A 629 1.91 -3.43 1.85
CA THR A 629 0.96 -3.78 2.91
C THR A 629 0.85 -5.28 3.10
N ASP A 630 0.38 -5.65 4.30
CA ASP A 630 0.02 -7.03 4.59
C ASP A 630 -1.27 -7.44 3.87
N THR A 631 -2.28 -6.59 3.94
CA THR A 631 -3.57 -6.85 3.29
C THR A 631 -4.18 -5.52 2.85
N PRO A 632 -4.89 -5.51 1.72
CA PRO A 632 -5.45 -4.24 1.24
C PRO A 632 -6.92 -4.06 1.61
N ALA A 633 -7.46 -5.02 2.34
CA ALA A 633 -8.91 -5.14 2.45
C ALA A 633 -9.46 -4.85 3.84
N ARG A 634 -8.94 -5.53 4.86
CA ARG A 634 -9.50 -5.32 6.19
C ARG A 634 -8.98 -4.05 6.87
N ASP A 635 -9.34 -3.85 8.14
CA ASP A 635 -8.87 -2.69 8.91
C ASP A 635 -7.42 -2.82 9.39
N GLU A 636 -6.51 -2.96 8.44
CA GLU A 636 -5.10 -3.10 8.76
C GLU A 636 -4.30 -2.32 7.71
N ARG A 637 -3.81 -2.99 6.67
CA ARG A 637 -3.16 -2.31 5.54
C ARG A 637 -1.95 -1.51 6.02
N LEU A 638 -1.12 -2.19 6.81
CA LEU A 638 0.06 -1.58 7.40
C LEU A 638 1.33 -2.07 6.71
N GLY A 639 2.42 -1.31 6.82
CA GLY A 639 3.69 -1.68 6.21
C GLY A 639 4.45 -2.72 7.04
N TRP A 640 3.93 -3.95 7.04
CA TRP A 640 4.46 -5.03 7.88
C TRP A 640 5.82 -5.49 7.41
N THR A 641 6.81 -5.40 8.31
CA THR A 641 8.18 -5.70 7.94
C THR A 641 8.39 -7.18 7.59
N GLY A 642 7.84 -8.08 8.40
CA GLY A 642 7.98 -9.50 8.13
C GLY A 642 7.51 -9.92 6.75
N ASP A 643 6.33 -9.43 6.36
CA ASP A 643 5.71 -9.87 5.11
C ASP A 643 6.57 -9.43 3.93
N ILE A 644 7.07 -8.22 3.96
CA ILE A 644 7.90 -7.74 2.85
C ILE A 644 9.31 -8.36 2.87
N ASN A 645 9.84 -8.63 4.06
CA ASN A 645 11.08 -9.42 4.21
C ASN A 645 10.98 -10.71 3.39
N VAL A 646 9.94 -11.49 3.66
CA VAL A 646 9.81 -12.79 3.00
C VAL A 646 9.55 -12.66 1.49
N PHE A 647 8.79 -11.64 1.08
CA PHE A 647 8.32 -11.54 -0.30
C PHE A 647 9.22 -10.73 -1.24
N ALA A 648 10.12 -9.93 -0.68
CA ALA A 648 10.91 -9.01 -1.50
C ALA A 648 11.66 -9.61 -2.70
N PRO A 649 12.37 -10.76 -2.52
CA PRO A 649 13.06 -11.34 -3.67
C PRO A 649 12.12 -11.71 -4.83
N THR A 650 10.94 -12.23 -4.51
CA THR A 650 9.93 -12.52 -5.53
C THR A 650 9.43 -11.20 -6.16
N ALA A 651 9.09 -10.22 -5.32
CA ALA A 651 8.59 -8.93 -5.78
C ALA A 651 9.52 -8.33 -6.83
N ALA A 652 10.83 -8.45 -6.61
CA ALA A 652 11.83 -7.81 -7.48
C ALA A 652 12.01 -8.54 -8.81
N TYR A 653 11.45 -9.74 -8.93
CA TYR A 653 11.32 -10.38 -10.24
C TYR A 653 10.11 -9.80 -11.00
N THR A 654 8.96 -9.76 -10.34
CA THR A 654 7.70 -9.56 -11.06
C THR A 654 7.31 -8.10 -11.35
N MET A 655 7.76 -7.16 -10.53
CA MET A 655 7.58 -5.73 -10.84
C MET A 655 8.88 -4.99 -10.60
N GLU A 656 9.07 -3.88 -11.30
CA GLU A 656 10.17 -2.98 -10.93
C GLU A 656 9.83 -2.45 -9.53
N SER A 657 10.54 -2.92 -8.52
CA SER A 657 10.21 -2.67 -7.12
C SER A 657 11.27 -1.82 -6.44
N ALA A 658 12.25 -1.36 -7.21
CA ALA A 658 13.35 -0.55 -6.67
C ALA A 658 12.89 0.77 -6.09
N ARG A 659 12.18 1.58 -6.87
CA ARG A 659 11.73 2.88 -6.33
C ARG A 659 10.76 2.66 -5.15
N PHE A 660 9.88 1.65 -5.29
CA PHE A 660 8.86 1.41 -4.28
C PHE A 660 9.48 1.03 -2.94
N LEU A 661 10.40 0.07 -2.97
CA LEU A 661 11.01 -0.42 -1.72
C LEU A 661 12.13 0.50 -1.23
N THR A 662 12.77 1.26 -2.13
CA THR A 662 13.66 2.36 -1.68
C THR A 662 12.91 3.36 -0.82
N LYS A 663 11.75 3.79 -1.31
CA LYS A 663 10.86 4.68 -0.57
C LYS A 663 10.50 4.05 0.77
N TRP A 664 10.06 2.78 0.74
CA TRP A 664 9.66 2.14 1.99
C TRP A 664 10.80 2.05 3.01
N LEU A 665 12.01 1.79 2.54
CA LEU A 665 13.15 1.68 3.48
C LEU A 665 13.43 3.01 4.17
N VAL A 666 13.20 4.12 3.46
CA VAL A 666 13.22 5.44 4.11
C VAL A 666 12.18 5.49 5.24
N ASP A 667 10.97 4.97 4.99
CA ASP A 667 9.94 4.92 6.04
C ASP A 667 10.42 4.07 7.22
N LEU A 668 11.02 2.92 6.92
CA LEU A 668 11.51 2.02 7.98
C LEU A 668 12.58 2.72 8.84
N ARG A 669 13.52 3.38 8.19
CA ARG A 669 14.57 4.11 8.94
C ARG A 669 14.02 5.32 9.68
N ASP A 670 12.98 5.97 9.16
CA ASP A 670 12.29 7.05 9.89
C ASP A 670 11.69 6.55 11.20
N ALA A 671 11.35 5.27 11.25
CA ALA A 671 10.66 4.69 12.41
C ALA A 671 11.60 3.97 13.40
N GLN A 672 12.86 3.78 13.00
CA GLN A 672 13.81 3.02 13.84
C GLN A 672 13.96 3.71 15.19
N THR A 673 13.90 2.95 16.29
CA THR A 673 13.94 3.58 17.62
C THR A 673 15.32 4.14 17.93
N SER A 674 15.37 5.02 18.94
CA SER A 674 16.63 5.65 19.35
C SER A 674 17.68 4.65 19.79
N ASP A 675 17.27 3.49 20.27
CA ASP A 675 18.22 2.44 20.64
C ASP A 675 18.46 1.40 19.53
N GLY A 676 17.98 1.71 18.32
CA GLY A 676 18.34 0.95 17.10
C GLY A 676 17.41 -0.19 16.69
N ALA A 677 16.26 -0.28 17.32
CA ALA A 677 15.32 -1.34 17.00
C ALA A 677 14.45 -0.95 15.79
N PHE A 678 14.46 -1.75 14.74
CA PHE A 678 13.46 -1.60 13.68
C PHE A 678 12.09 -2.02 14.20
N THR A 679 11.07 -1.27 13.82
CA THR A 679 9.67 -1.53 14.21
C THR A 679 9.03 -2.70 13.45
N ASP A 680 7.93 -3.21 13.99
CA ASP A 680 7.19 -4.29 13.36
C ASP A 680 6.48 -3.80 12.08
N VAL A 681 6.02 -2.55 12.12
CA VAL A 681 5.44 -1.91 10.92
C VAL A 681 6.09 -0.55 10.63
N ALA A 682 6.10 -0.15 9.35
CA ALA A 682 6.57 1.18 8.97
C ALA A 682 5.77 1.67 7.76
N PRO A 683 5.24 2.91 7.83
CA PRO A 683 5.26 3.85 8.94
C PRO A 683 4.72 3.25 10.25
N ALA A 684 5.29 3.67 11.36
CA ALA A 684 4.95 3.12 12.66
C ALA A 684 3.69 3.80 13.20
N VAL A 685 2.63 3.01 13.34
CA VAL A 685 1.37 3.47 13.92
C VAL A 685 0.84 2.39 14.86
N GLY A 686 0.04 2.79 15.83
CA GLY A 686 -0.70 1.85 16.67
C GLY A 686 0.10 1.14 17.77
N ASN A 687 1.32 1.61 18.03
CA ASN A 687 2.19 1.01 19.09
C ASN A 687 2.27 -0.52 19.06
N LEU A 688 2.63 -1.05 17.90
CA LEU A 688 2.61 -2.49 17.66
C LEU A 688 3.81 -3.26 18.19
N GLY A 689 4.93 -2.57 18.34
CA GLY A 689 6.13 -3.20 18.88
C GLY A 689 7.32 -3.08 17.95
N ASN A 690 8.45 -3.60 18.40
CA ASN A 690 9.72 -3.51 17.66
C ASN A 690 10.67 -4.61 18.10
N GLY A 691 11.81 -4.72 17.41
CA GLY A 691 12.87 -5.64 17.83
C GLY A 691 12.54 -7.10 17.65
N VAL A 692 11.72 -7.41 16.65
CA VAL A 692 11.28 -8.77 16.38
C VAL A 692 12.06 -9.42 15.25
N ALA A 693 12.67 -10.57 15.55
CA ALA A 693 13.38 -11.41 14.57
C ALA A 693 12.49 -11.82 13.42
N GLY A 694 12.98 -11.63 12.19
CA GLY A 694 12.23 -11.96 10.97
C GLY A 694 11.34 -10.81 10.50
N TRP A 695 11.14 -9.83 11.37
CA TRP A 695 10.31 -8.68 11.08
C TRP A 695 11.26 -7.48 10.91
N GLY A 696 11.82 -6.96 11.99
CA GLY A 696 12.75 -5.83 11.93
C GLY A 696 13.90 -6.09 10.98
N ASP A 697 14.25 -7.37 10.81
CA ASP A 697 15.34 -7.74 9.89
C ASP A 697 15.09 -7.33 8.43
N ALA A 698 13.86 -6.91 8.11
CA ALA A 698 13.60 -6.39 6.77
C ALA A 698 14.52 -5.21 6.45
N GLY A 699 14.98 -4.48 7.47
CA GLY A 699 15.94 -3.37 7.29
C GLY A 699 17.28 -3.79 6.73
N VAL A 700 17.59 -5.08 6.87
CA VAL A 700 18.80 -5.69 6.31
C VAL A 700 18.51 -6.51 5.04
N THR A 701 17.45 -7.33 5.08
CA THR A 701 17.18 -8.29 4.01
C THR A 701 16.60 -7.62 2.77
N VAL A 702 15.87 -6.53 2.94
CA VAL A 702 15.25 -5.85 1.78
C VAL A 702 16.28 -5.06 0.95
N PRO A 703 17.18 -4.30 1.62
CA PRO A 703 18.25 -3.65 0.85
C PRO A 703 19.08 -4.70 0.12
N TRP A 704 19.36 -5.83 0.78
CA TRP A 704 20.13 -6.89 0.11
C TRP A 704 19.38 -7.49 -1.10
N ALA A 705 18.07 -7.74 -0.94
CA ALA A 705 17.25 -8.23 -2.04
C ALA A 705 17.26 -7.24 -3.22
N LEU A 706 17.17 -5.93 -2.95
CA LEU A 706 17.24 -4.94 -4.02
C LEU A 706 18.61 -4.92 -4.71
N TYR A 707 19.66 -5.04 -3.91
CA TYR A 707 21.02 -5.13 -4.48
C TYR A 707 21.18 -6.34 -5.40
N GLN A 708 20.72 -7.50 -4.94
CA GLN A 708 20.78 -8.70 -5.77
C GLN A 708 20.03 -8.56 -7.10
N ALA A 709 18.82 -8.00 -7.05
CA ALA A 709 17.99 -7.92 -8.25
C ALA A 709 18.42 -6.80 -9.18
N TYR A 710 18.88 -5.68 -8.62
CA TYR A 710 19.10 -4.48 -9.44
C TYR A 710 20.57 -4.04 -9.51
N GLY A 711 21.38 -4.53 -8.57
CA GLY A 711 22.79 -4.11 -8.48
C GLY A 711 22.91 -2.68 -7.94
N ASP A 712 21.88 -2.25 -7.18
CA ASP A 712 21.75 -0.89 -6.65
C ASP A 712 22.62 -0.77 -5.42
N ARG A 713 23.77 -0.09 -5.55
CA ARG A 713 24.71 0.02 -4.45
C ARG A 713 24.29 1.12 -3.48
N GLN A 714 23.58 2.13 -3.99
CA GLN A 714 23.15 3.24 -3.14
C GLN A 714 22.22 2.75 -2.03
N VAL A 715 21.33 1.80 -2.34
CA VAL A 715 20.44 1.24 -1.29
C VAL A 715 21.25 0.62 -0.15
N LEU A 716 22.39 0.00 -0.45
CA LEU A 716 23.21 -0.61 0.59
C LEU A 716 23.86 0.51 1.41
N ALA A 717 24.44 1.51 0.73
CA ALA A 717 25.09 2.62 1.44
C ALA A 717 24.13 3.33 2.38
N ASP A 718 22.89 3.52 1.93
CA ASP A 718 21.89 4.21 2.72
C ASP A 718 21.39 3.36 3.89
N ALA A 719 21.51 2.03 3.77
CA ALA A 719 21.02 1.13 4.83
C ALA A 719 22.06 0.77 5.88
N LEU A 720 23.34 0.75 5.50
CA LEU A 720 24.35 0.13 6.38
C LEU A 720 24.44 0.73 7.80
N PRO A 721 24.37 2.08 7.95
CA PRO A 721 24.35 2.64 9.32
C PRO A 721 23.19 2.16 10.21
N SER A 722 21.98 2.12 9.65
CA SER A 722 20.81 1.59 10.37
C SER A 722 20.98 0.09 10.67
N VAL A 723 21.62 -0.64 9.76
CA VAL A 723 21.91 -2.06 9.96
C VAL A 723 22.90 -2.23 11.14
N HIS A 724 23.97 -1.43 11.14
CA HIS A 724 24.89 -1.42 12.29
C HIS A 724 24.16 -1.20 13.63
N ALA A 725 23.28 -0.18 13.68
CA ALA A 725 22.52 0.12 14.90
C ALA A 725 21.60 -1.05 15.31
N TRP A 726 21.04 -1.75 14.33
CA TRP A 726 20.19 -2.93 14.57
C TRP A 726 21.01 -4.06 15.18
N LEU A 727 22.19 -4.34 14.60
CA LEU A 727 23.06 -5.39 15.14
C LEU A 727 23.53 -5.09 16.55
N ARG A 728 23.84 -3.81 16.82
CA ARG A 728 24.17 -3.38 18.18
C ARG A 728 23.00 -3.63 19.13
N TYR A 729 21.80 -3.22 18.73
CA TYR A 729 20.59 -3.52 19.50
C TYR A 729 20.41 -5.01 19.76
N LEU A 730 20.59 -5.84 18.74
CA LEU A 730 20.40 -7.28 18.90
C LEU A 730 21.41 -7.90 19.86
N GLU A 731 22.68 -7.48 19.76
CA GLU A 731 23.72 -8.03 20.62
C GLU A 731 23.48 -7.66 22.08
N LYS A 732 23.01 -6.44 22.32
CA LYS A 732 22.66 -5.99 23.66
C LYS A 732 21.50 -6.83 24.23
N HIS A 733 20.52 -7.13 23.38
CA HIS A 733 19.38 -7.97 23.77
C HIS A 733 19.58 -9.44 23.41
N SER A 734 20.71 -9.98 23.87
CA SER A 734 21.01 -11.40 23.76
C SER A 734 21.89 -11.80 24.93
N ASP A 735 22.05 -13.10 25.14
CA ASP A 735 22.87 -13.61 26.25
C ASP A 735 23.78 -14.68 25.66
N GLY A 736 25.09 -14.42 25.60
CA GLY A 736 26.02 -15.30 24.89
C GLY A 736 25.60 -15.45 23.44
N LEU A 737 25.03 -14.36 22.90
CA LEU A 737 24.56 -14.27 21.50
C LEU A 737 23.29 -15.06 21.17
N LEU A 738 22.72 -15.75 22.16
CA LEU A 738 21.42 -16.38 21.99
C LEU A 738 20.31 -15.37 22.26
N ARG A 739 19.33 -15.33 21.37
CA ARG A 739 18.23 -14.37 21.49
C ARG A 739 17.03 -15.02 22.20
N PRO A 740 16.23 -14.20 22.93
CA PRO A 740 15.02 -14.69 23.62
C PRO A 740 14.01 -15.39 22.71
N ALA A 741 13.18 -16.28 23.27
CA ALA A 741 12.11 -16.90 22.50
C ALA A 741 10.90 -15.95 22.47
N ASP A 742 11.05 -14.84 21.76
CA ASP A 742 10.03 -13.82 21.62
C ASP A 742 9.79 -13.60 20.13
N GLY A 743 8.66 -12.98 19.81
CA GLY A 743 8.34 -12.55 18.46
C GLY A 743 7.19 -13.31 17.84
N TYR A 744 6.91 -13.04 16.56
CA TYR A 744 5.84 -13.73 15.86
C TYR A 744 6.21 -15.16 15.45
N GLY A 745 7.52 -15.41 15.30
CA GLY A 745 8.01 -16.74 14.88
C GLY A 745 7.62 -17.08 13.44
N ASP A 746 7.53 -18.38 13.16
CA ASP A 746 7.15 -18.86 11.84
C ASP A 746 5.62 -18.77 11.70
N TRP A 747 5.16 -17.51 11.65
CA TRP A 747 3.74 -17.14 11.65
C TRP A 747 2.90 -18.00 10.73
N LEU A 748 1.80 -18.51 11.28
CA LEU A 748 0.81 -19.26 10.48
C LEU A 748 1.33 -20.55 9.84
N ASN A 749 2.30 -21.18 10.49
CA ASN A 749 2.71 -22.54 10.13
C ASN A 749 1.54 -23.55 10.29
N VAL A 750 1.71 -24.77 9.78
CA VAL A 750 0.62 -25.77 9.82
C VAL A 750 0.90 -26.73 10.96
N SER A 751 0.52 -26.35 12.18
CA SER A 751 0.72 -27.15 13.38
CA SER A 751 0.72 -27.15 13.38
C SER A 751 2.15 -27.72 13.45
N ASP A 752 3.13 -26.84 13.29
CA ASP A 752 4.54 -27.24 13.30
C ASP A 752 5.34 -26.03 13.77
N GLU A 753 5.14 -25.67 15.05
CA GLU A 753 5.70 -24.44 15.62
C GLU A 753 7.19 -24.50 15.97
N THR A 754 8.00 -23.73 15.25
CA THR A 754 9.43 -23.65 15.52
C THR A 754 9.69 -22.79 16.75
N PRO A 755 10.53 -23.30 17.69
CA PRO A 755 10.96 -22.51 18.86
C PRO A 755 11.46 -21.13 18.45
N LYS A 756 10.97 -20.09 19.13
CA LYS A 756 11.21 -18.71 18.72
C LYS A 756 12.63 -18.26 19.00
N ASP A 757 13.31 -18.91 19.95
CA ASP A 757 14.74 -18.63 20.21
C ASP A 757 15.63 -19.16 19.07
N VAL A 758 15.25 -20.30 18.47
CA VAL A 758 15.97 -20.81 17.28
C VAL A 758 15.81 -19.77 16.15
N ILE A 759 14.57 -19.33 15.93
CA ILE A 759 14.29 -18.30 14.91
C ILE A 759 15.06 -17.00 15.18
N ALA A 760 14.97 -16.50 16.40
CA ALA A 760 15.56 -15.22 16.75
C ALA A 760 17.10 -15.23 16.61
N THR A 761 17.73 -16.30 17.10
CA THR A 761 19.19 -16.36 17.01
C THR A 761 19.63 -16.53 15.53
N ALA A 762 18.89 -17.34 14.78
CA ALA A 762 19.16 -17.56 13.37
C ALA A 762 19.10 -16.24 12.57
N TYR A 763 18.04 -15.45 12.79
CA TYR A 763 17.93 -14.15 12.12
C TYR A 763 19.00 -13.15 12.50
N PHE A 764 19.45 -13.22 13.76
CA PHE A 764 20.54 -12.38 14.26
C PHE A 764 21.83 -12.71 13.49
N ALA A 765 22.16 -14.01 13.40
CA ALA A 765 23.30 -14.46 12.59
C ALA A 765 23.17 -14.02 11.14
N HIS A 766 21.99 -14.22 10.55
CA HIS A 766 21.80 -13.89 9.15
C HIS A 766 22.01 -12.39 8.87
N SER A 767 21.49 -11.54 9.76
CA SER A 767 21.69 -10.10 9.64
C SER A 767 23.17 -9.70 9.74
N ALA A 768 23.92 -10.37 10.63
CA ALA A 768 25.37 -10.15 10.71
C ALA A 768 26.08 -10.55 9.41
N ASP A 769 25.66 -11.68 8.84
CA ASP A 769 26.19 -12.22 7.58
C ASP A 769 25.93 -11.19 6.47
N LEU A 770 24.68 -10.74 6.35
CA LEU A 770 24.35 -9.79 5.29
C LEU A 770 25.09 -8.46 5.48
N ALA A 771 25.23 -8.00 6.72
CA ALA A 771 25.98 -6.77 6.97
C ALA A 771 27.43 -6.88 6.49
N ALA A 772 28.04 -8.06 6.69
CA ALA A 772 29.40 -8.30 6.24
C ALA A 772 29.45 -8.25 4.72
N ARG A 773 28.45 -8.84 4.06
CA ARG A 773 28.37 -8.85 2.59
CA ARG A 773 28.41 -8.84 2.60
C ARG A 773 28.19 -7.44 2.04
N MET A 774 27.40 -6.62 2.74
CA MET A 774 27.20 -5.21 2.35
C MET A 774 28.49 -4.40 2.47
N ALA A 775 29.15 -4.52 3.62
CA ALA A 775 30.45 -3.87 3.87
C ALA A 775 31.45 -4.24 2.77
N THR A 776 31.51 -5.53 2.44
CA THR A 776 32.37 -6.05 1.37
C THR A 776 32.03 -5.38 0.03
N GLU A 777 30.76 -5.40 -0.35
CA GLU A 777 30.37 -4.74 -1.60
C GLU A 777 30.70 -3.24 -1.66
N LEU A 778 30.61 -2.56 -0.53
CA LEU A 778 30.85 -1.14 -0.49
C LEU A 778 32.33 -0.79 -0.26
N GLY A 779 33.18 -1.81 -0.20
CA GLY A 779 34.62 -1.64 0.06
C GLY A 779 34.93 -1.13 1.46
N LYS A 780 34.08 -1.43 2.43
CA LYS A 780 34.34 -1.07 3.82
C LYS A 780 34.94 -2.26 4.55
N ASP A 781 35.39 -2.02 5.78
CA ASP A 781 35.96 -3.09 6.62
C ASP A 781 34.85 -4.06 7.04
N ALA A 782 34.94 -5.30 6.57
CA ALA A 782 33.90 -6.29 6.83
C ALA A 782 34.25 -7.19 8.01
N ALA A 783 35.49 -7.10 8.48
CA ALA A 783 35.99 -7.97 9.57
C ALA A 783 35.12 -7.99 10.84
N PRO A 784 34.72 -6.81 11.38
CA PRO A 784 33.85 -6.82 12.56
C PRO A 784 32.53 -7.59 12.39
N TYR A 785 31.89 -7.44 11.22
CA TYR A 785 30.64 -8.16 10.93
C TYR A 785 30.87 -9.66 10.69
N THR A 786 31.95 -9.98 9.99
CA THR A 786 32.30 -11.38 9.74
C THR A 786 32.60 -12.09 11.06
N ASP A 787 33.34 -11.41 11.93
CA ASP A 787 33.65 -11.93 13.26
C ASP A 787 32.37 -12.13 14.08
N LEU A 788 31.47 -11.14 14.06
CA LEU A 788 30.19 -11.28 14.74
C LEU A 788 29.42 -12.48 14.21
N PHE A 789 29.30 -12.60 12.88
CA PHE A 789 28.62 -13.76 12.29
C PHE A 789 29.22 -15.08 12.74
N THR A 790 30.55 -15.19 12.68
CA THR A 790 31.26 -16.37 13.17
C THR A 790 30.89 -16.74 14.63
N ARG A 791 30.87 -15.75 15.50
CA ARG A 791 30.57 -15.96 16.92
C ARG A 791 29.12 -16.36 17.16
N ILE A 792 28.19 -15.73 16.44
CA ILE A 792 26.78 -16.14 16.54
C ILE A 792 26.54 -17.54 15.98
N ARG A 793 27.13 -17.86 14.84
CA ARG A 793 26.95 -19.18 14.23
C ARG A 793 27.44 -20.25 15.19
N LYS A 794 28.57 -19.99 15.84
CA LYS A 794 29.15 -20.96 16.79
C LYS A 794 28.22 -21.17 18.01
N ALA A 795 27.72 -20.07 18.55
CA ALA A 795 26.75 -20.10 19.64
C ALA A 795 25.47 -20.82 19.22
N PHE A 796 25.01 -20.57 17.99
CA PHE A 796 23.80 -21.17 17.47
C PHE A 796 23.95 -22.69 17.35
N GLN A 797 25.07 -23.12 16.77
CA GLN A 797 25.32 -24.54 16.53
C GLN A 797 25.40 -25.29 17.85
N THR A 798 26.07 -24.69 18.82
CA THR A 798 26.22 -25.33 20.13
C THR A 798 24.88 -25.48 20.87
N ALA A 799 23.99 -24.51 20.71
CA ALA A 799 22.71 -24.48 21.44
C ALA A 799 21.61 -25.30 20.77
N TYR A 800 21.60 -25.34 19.45
CA TYR A 800 20.43 -25.85 18.75
C TYR A 800 20.64 -26.99 17.77
N VAL A 801 21.90 -27.31 17.46
CA VAL A 801 22.19 -28.36 16.49
C VAL A 801 22.84 -29.55 17.19
N ALA A 802 22.25 -30.72 17.01
CA ALA A 802 22.72 -31.96 17.65
C ALA A 802 23.73 -32.68 16.75
N SER A 803 24.41 -33.67 17.33
CA SER A 803 25.49 -34.40 16.64
C SER A 803 25.01 -35.15 15.43
N ASP A 804 23.74 -35.52 15.41
CA ASP A 804 23.18 -36.22 14.27
C ASP A 804 22.51 -35.26 13.28
N GLY A 805 22.67 -33.96 13.53
CA GLY A 805 22.14 -32.93 12.64
C GLY A 805 20.71 -32.50 12.90
N LYS A 806 20.09 -33.04 13.96
CA LYS A 806 18.74 -32.59 14.29
C LYS A 806 18.80 -31.17 14.84
N VAL A 807 17.80 -30.37 14.51
CA VAL A 807 17.72 -28.99 15.00
C VAL A 807 16.57 -28.89 15.99
N LYS A 808 16.80 -28.17 17.08
CA LYS A 808 15.81 -27.90 18.12
C LYS A 808 14.44 -27.56 17.52
N GLY A 809 13.43 -28.35 17.91
CA GLY A 809 12.07 -28.15 17.45
C GLY A 809 11.71 -29.15 16.39
N ASP A 810 12.70 -29.60 15.62
CA ASP A 810 12.53 -30.65 14.63
C ASP A 810 11.33 -30.35 13.69
N THR A 811 11.16 -29.08 13.32
CA THR A 811 10.10 -28.65 12.41
C THR A 811 10.67 -28.50 11.01
N GLN A 812 9.80 -28.46 10.01
CA GLN A 812 10.26 -28.21 8.65
C GLN A 812 11.04 -26.88 8.61
N SER A 813 10.47 -25.85 9.22
CA SER A 813 11.10 -24.51 9.21
C SER A 813 12.44 -24.46 9.92
N ALA A 814 12.60 -25.24 10.99
CA ALA A 814 13.90 -25.36 11.68
C ALA A 814 15.01 -25.77 10.71
N TYR A 815 14.76 -26.77 9.87
CA TYR A 815 15.79 -27.21 8.92
C TYR A 815 15.92 -26.23 7.76
N VAL A 816 14.79 -25.75 7.28
CA VAL A 816 14.81 -24.82 6.16
C VAL A 816 15.67 -23.60 6.50
N LEU A 817 15.43 -23.00 7.65
CA LEU A 817 16.13 -21.77 8.02
C LEU A 817 17.62 -21.96 8.27
N THR A 818 17.97 -23.03 8.99
CA THR A 818 19.36 -23.29 9.31
C THR A 818 20.14 -23.67 8.07
N LEU A 819 19.52 -24.36 7.11
CA LEU A 819 20.22 -24.71 5.87
C LEU A 819 20.38 -23.46 4.99
N SER A 820 19.30 -22.68 4.88
CA SER A 820 19.29 -21.48 4.05
C SER A 820 20.31 -20.43 4.48
N MET A 821 20.41 -20.25 5.78
CA MET A 821 21.26 -19.23 6.37
C MET A 821 22.66 -19.76 6.71
N ASN A 822 22.95 -21.00 6.29
CA ASN A 822 24.29 -21.59 6.44
C ASN A 822 24.72 -21.70 7.90
N LEU A 823 23.77 -22.12 8.72
CA LEU A 823 23.99 -22.30 10.14
C LEU A 823 24.29 -23.76 10.53
N VAL A 824 23.88 -24.73 9.71
CA VAL A 824 24.18 -26.15 9.98
C VAL A 824 25.70 -26.36 9.73
N PRO A 825 26.40 -27.05 10.65
CA PRO A 825 27.79 -27.36 10.30
C PRO A 825 27.84 -28.08 8.96
N ASP A 826 28.86 -27.81 8.15
CA ASP A 826 28.91 -28.37 6.81
C ASP A 826 28.82 -29.89 6.80
N ALA A 827 29.44 -30.54 7.78
CA ALA A 827 29.41 -32.00 7.90
C ALA A 827 27.99 -32.54 8.11
N LEU A 828 27.10 -31.67 8.56
CA LEU A 828 25.75 -32.11 8.94
C LEU A 828 24.64 -31.58 8.03
N ARG A 829 25.01 -30.89 6.95
CA ARG A 829 24.00 -30.40 6.00
C ARG A 829 23.20 -31.55 5.38
N LYS A 830 23.91 -32.60 4.95
CA LYS A 830 23.26 -33.77 4.39
C LYS A 830 22.18 -34.34 5.32
N ALA A 831 22.54 -34.48 6.60
CA ALA A 831 21.65 -35.08 7.59
C ALA A 831 20.46 -34.17 7.86
N ALA A 832 20.71 -32.86 7.91
CA ALA A 832 19.64 -31.89 8.13
C ALA A 832 18.66 -31.90 6.97
N ALA A 833 19.18 -31.94 5.74
CA ALA A 833 18.33 -31.98 4.56
C ALA A 833 17.55 -33.30 4.44
N ASP A 834 18.19 -34.42 4.81
CA ASP A 834 17.52 -35.73 4.82
C ASP A 834 16.34 -35.73 5.79
N ARG A 835 16.54 -35.11 6.95
CA ARG A 835 15.51 -35.01 7.98
C ARG A 835 14.35 -34.14 7.49
N LEU A 836 14.65 -33.05 6.81
CA LEU A 836 13.63 -32.21 6.20
C LEU A 836 12.73 -33.01 5.26
N VAL A 837 13.34 -33.78 4.37
CA VAL A 837 12.65 -34.60 3.39
C VAL A 837 11.76 -35.64 4.08
N ALA A 838 12.25 -36.14 5.22
CA ALA A 838 11.57 -37.17 6.01
C ALA A 838 10.32 -36.61 6.64
N LEU A 839 10.41 -35.38 7.15
CA LEU A 839 9.25 -34.68 7.71
C LEU A 839 8.21 -34.38 6.63
N ILE A 840 8.66 -33.99 5.44
CA ILE A 840 7.75 -33.73 4.32
C ILE A 840 7.04 -35.03 3.88
N GLU A 841 7.82 -36.11 3.73
CA GLU A 841 7.28 -37.43 3.44
C GLU A 841 6.24 -37.88 4.49
N ALA A 842 6.55 -37.65 5.77
CA ALA A 842 5.67 -38.02 6.89
C ALA A 842 4.36 -37.25 6.93
N LYS A 843 4.33 -36.09 6.27
CA LYS A 843 3.11 -35.31 6.13
C LYS A 843 2.44 -35.61 4.80
N ASP A 844 2.78 -36.75 4.19
CA ASP A 844 2.21 -37.19 2.90
C ASP A 844 2.53 -36.20 1.77
N TRP A 845 3.78 -35.73 1.77
CA TRP A 845 4.31 -34.84 0.76
C TRP A 845 3.56 -33.50 0.80
N HIS A 846 3.45 -32.95 2.00
CA HIS A 846 2.96 -31.58 2.23
C HIS A 846 3.95 -30.77 3.06
N LEU A 847 4.02 -29.48 2.75
CA LEU A 847 4.73 -28.53 3.59
C LEU A 847 4.01 -28.29 4.92
N SER A 848 4.74 -27.75 5.88
CA SER A 848 4.18 -27.36 7.16
C SER A 848 4.63 -25.94 7.54
N THR A 849 5.34 -25.29 6.62
CA THR A 849 6.03 -24.04 6.91
C THR A 849 5.07 -22.84 6.97
N GLY A 850 5.38 -21.88 7.85
CA GLY A 850 4.67 -20.58 7.93
C GLY A 850 5.39 -19.47 7.14
N PHE A 851 5.22 -18.22 7.58
CA PHE A 851 5.73 -17.04 6.83
C PHE A 851 7.24 -17.06 6.59
N LEU A 852 7.99 -17.53 7.58
CA LEU A 852 9.45 -17.43 7.54
C LEU A 852 10.10 -18.61 6.81
N GLY A 853 9.54 -19.79 6.98
CA GLY A 853 10.01 -21.01 6.31
C GLY A 853 9.66 -21.09 4.85
N THR A 854 8.46 -20.64 4.48
CA THR A 854 7.98 -20.85 3.12
C THR A 854 8.86 -20.30 1.98
N PRO A 855 9.38 -19.06 2.11
CA PRO A 855 10.14 -18.53 0.98
C PRO A 855 11.44 -19.30 0.75
N ARG A 856 11.94 -19.97 1.78
CA ARG A 856 13.25 -20.63 1.68
C ARG A 856 13.12 -22.14 1.45
N LEU A 857 11.88 -22.65 1.52
CA LEU A 857 11.64 -24.10 1.47
C LEU A 857 12.07 -24.78 0.17
N LEU A 858 11.52 -24.35 -0.96
CA LEU A 858 11.85 -24.98 -2.22
C LEU A 858 13.33 -24.72 -2.60
N PRO A 859 13.83 -23.48 -2.39
CA PRO A 859 15.26 -23.24 -2.66
C PRO A 859 16.24 -24.16 -1.89
N VAL A 860 15.99 -24.36 -0.61
CA VAL A 860 16.79 -25.28 0.24
C VAL A 860 16.71 -26.72 -0.30
N LEU A 861 15.50 -27.15 -0.64
CA LEU A 861 15.32 -28.49 -1.21
C LEU A 861 16.15 -28.65 -2.49
N THR A 862 16.14 -27.64 -3.36
CA THR A 862 16.93 -27.68 -4.58
C THR A 862 18.43 -27.64 -4.28
N ASP A 863 18.83 -26.80 -3.33
CA ASP A 863 20.25 -26.64 -2.96
C ASP A 863 20.88 -27.92 -2.42
N THR A 864 20.05 -28.78 -1.85
CA THR A 864 20.52 -29.99 -1.18
C THR A 864 20.26 -31.24 -2.01
N GLY A 865 19.91 -31.06 -3.28
CA GLY A 865 19.78 -32.16 -4.23
C GLY A 865 18.41 -32.82 -4.26
N HIS A 866 17.41 -32.11 -3.72
CA HIS A 866 16.04 -32.60 -3.70
C HIS A 866 15.05 -31.77 -4.51
N THR A 867 15.44 -31.38 -5.73
CA THR A 867 14.52 -30.70 -6.66
C THR A 867 13.27 -31.53 -6.94
N ASP A 868 13.42 -32.86 -6.98
CA ASP A 868 12.26 -33.73 -7.18
C ASP A 868 11.21 -33.58 -6.08
N VAL A 869 11.66 -33.49 -4.83
CA VAL A 869 10.79 -33.19 -3.68
C VAL A 869 10.17 -31.79 -3.82
N ALA A 870 10.98 -30.81 -4.21
CA ALA A 870 10.44 -29.44 -4.42
C ALA A 870 9.26 -29.47 -5.40
N TYR A 871 9.43 -30.19 -6.50
CA TYR A 871 8.39 -30.32 -7.50
C TYR A 871 7.14 -31.05 -6.99
N ARG A 872 7.34 -32.04 -6.12
CA ARG A 872 6.22 -32.76 -5.50
C ARG A 872 5.35 -31.79 -4.69
N LEU A 873 6.02 -30.93 -3.91
CA LEU A 873 5.35 -29.90 -3.11
C LEU A 873 4.70 -28.82 -3.97
N LEU A 874 5.40 -28.43 -5.04
CA LEU A 874 4.89 -27.41 -5.98
C LEU A 874 3.61 -27.86 -6.69
N HIS A 875 3.60 -29.13 -7.11
CA HIS A 875 2.45 -29.68 -7.84
C HIS A 875 1.33 -30.22 -6.94
N GLN A 876 1.56 -30.23 -5.64
CA GLN A 876 0.58 -30.73 -4.67
C GLN A 876 -0.74 -29.97 -4.72
N ARG A 877 -1.86 -30.69 -4.67
CA ARG A 877 -3.16 -30.04 -4.80
C ARG A 877 -4.05 -30.13 -3.56
N THR A 878 -3.69 -31.00 -2.63
CA THR A 878 -4.51 -31.15 -1.43
C THR A 878 -3.98 -30.25 -0.32
N PHE A 879 -4.80 -29.98 0.69
CA PHE A 879 -4.38 -29.10 1.79
C PHE A 879 -3.27 -29.72 2.66
N PRO A 880 -2.25 -28.92 3.06
CA PRO A 880 -1.91 -27.54 2.65
C PRO A 880 -0.95 -27.50 1.46
N SER A 881 -1.14 -26.50 0.60
CA SER A 881 -0.34 -26.41 -0.62
C SER A 881 -0.70 -25.13 -1.36
N TRP A 882 0.07 -24.81 -2.40
CA TRP A 882 -0.32 -23.73 -3.31
C TRP A 882 -1.50 -24.12 -4.19
N GLY A 883 -1.59 -25.40 -4.57
CA GLY A 883 -2.63 -25.85 -5.48
C GLY A 883 -4.02 -25.87 -4.83
N TYR A 884 -4.06 -26.09 -3.53
CA TYR A 884 -5.33 -26.23 -2.79
C TYR A 884 -6.21 -24.96 -2.90
N PRO A 885 -5.64 -23.77 -2.64
CA PRO A 885 -6.45 -22.56 -2.83
C PRO A 885 -6.80 -22.31 -4.29
N ILE A 886 -5.89 -22.63 -5.21
CA ILE A 886 -6.15 -22.47 -6.64
C ILE A 886 -7.35 -23.30 -7.13
N ASP A 887 -7.45 -24.55 -6.66
CA ASP A 887 -8.62 -25.39 -6.93
C ASP A 887 -9.91 -24.82 -6.34
N LYS A 888 -9.80 -24.04 -5.26
CA LYS A 888 -10.96 -23.38 -4.64
C LYS A 888 -11.30 -22.06 -5.32
N GLY A 889 -10.53 -21.67 -6.33
CA GLY A 889 -10.81 -20.51 -7.14
C GLY A 889 -10.06 -19.26 -6.70
N SER A 890 -8.99 -19.44 -5.93
CA SER A 890 -8.16 -18.27 -5.55
C SER A 890 -7.64 -17.50 -6.77
N THR A 891 -7.56 -16.17 -6.66
CA THR A 891 -6.97 -15.35 -7.72
C THR A 891 -5.84 -14.48 -7.14
N THR A 892 -5.56 -14.67 -5.86
CA THR A 892 -4.48 -14.01 -5.12
C THR A 892 -3.94 -15.04 -4.12
N MET A 893 -2.95 -14.66 -3.32
CA MET A 893 -2.45 -15.54 -2.26
C MET A 893 -3.19 -15.24 -0.96
N TRP A 894 -3.57 -16.29 -0.23
CA TRP A 894 -4.31 -16.06 1.01
C TRP A 894 -3.38 -15.92 2.22
N GLU A 895 -3.87 -15.29 3.29
CA GLU A 895 -3.09 -15.13 4.50
C GLU A 895 -2.76 -16.50 5.14
N ARG A 896 -3.71 -17.43 5.06
CA ARG A 896 -3.57 -18.75 5.72
C ARG A 896 -3.60 -19.85 4.68
N TRP A 897 -2.94 -20.98 4.95
CA TRP A 897 -3.05 -22.11 4.05
C TRP A 897 -4.51 -22.61 3.97
N ASP A 898 -5.27 -22.37 5.03
CA ASP A 898 -6.68 -22.77 5.09
C ASP A 898 -7.65 -21.59 5.27
N SER A 899 -7.40 -20.47 4.60
CA SER A 899 -8.36 -19.35 4.70
C SER A 899 -9.80 -19.80 4.36
N ILE A 900 -9.94 -20.70 3.38
CA ILE A 900 -11.11 -21.57 3.27
C ILE A 900 -10.65 -22.95 3.73
N GLN A 901 -11.35 -23.52 4.71
CA GLN A 901 -10.99 -24.82 5.27
C GLN A 901 -11.49 -25.98 4.41
N PRO A 902 -10.87 -27.17 4.55
CA PRO A 902 -11.23 -28.33 3.72
C PRO A 902 -12.74 -28.64 3.70
N ASP A 903 -13.43 -28.36 4.80
CA ASP A 903 -14.89 -28.54 4.88
C ASP A 903 -15.70 -27.46 4.15
N GLY A 904 -15.01 -26.46 3.60
CA GLY A 904 -15.67 -25.37 2.89
C GLY A 904 -15.93 -24.11 3.71
N GLY A 905 -15.77 -24.21 5.03
CA GLY A 905 -15.95 -23.07 5.94
C GLY A 905 -14.76 -22.12 5.95
N PHE A 906 -14.98 -20.90 6.41
CA PHE A 906 -13.89 -19.90 6.50
C PHE A 906 -13.14 -20.03 7.80
N GLN A 907 -11.84 -19.71 7.78
CA GLN A 907 -11.11 -19.52 9.02
C GLN A 907 -11.66 -18.32 9.80
N THR A 908 -11.12 -18.08 10.99
CA THR A 908 -11.70 -17.07 11.84
C THR A 908 -11.58 -15.65 11.32
N PRO A 909 -12.71 -14.91 11.27
CA PRO A 909 -12.70 -13.48 10.85
C PRO A 909 -11.91 -12.56 11.77
N GLU A 910 -11.47 -13.05 12.94
CA GLU A 910 -10.60 -12.27 13.80
C GLU A 910 -9.29 -11.96 13.05
N MET A 911 -8.91 -12.85 12.14
CA MET A 911 -7.72 -12.64 11.27
C MET A 911 -7.73 -13.60 10.08
N ASN A 912 -8.29 -13.15 8.95
CA ASN A 912 -8.38 -14.01 7.79
C ASN A 912 -8.50 -13.32 6.44
N SER A 913 -7.37 -12.96 5.87
CA SER A 913 -7.31 -12.23 4.62
C SER A 913 -7.14 -13.17 3.43
N PHE A 914 -7.77 -12.82 2.31
CA PHE A 914 -7.60 -13.56 1.07
C PHE A 914 -6.66 -12.85 0.09
N ASN A 915 -5.80 -11.97 0.60
CA ASN A 915 -4.89 -11.21 -0.28
C ASN A 915 -3.65 -10.74 0.51
N HIS A 916 -2.83 -11.69 0.95
CA HIS A 916 -1.53 -11.48 1.60
C HIS A 916 -0.49 -12.02 0.63
N TYR A 917 0.61 -11.30 0.37
CA TYR A 917 1.58 -11.83 -0.60
C TYR A 917 2.61 -12.84 -0.06
N ALA A 918 2.66 -13.02 1.25
CA ALA A 918 3.71 -13.85 1.89
C ALA A 918 3.95 -15.22 1.26
N TYR A 919 2.87 -15.99 1.03
CA TYR A 919 3.01 -17.33 0.46
C TYR A 919 3.25 -17.34 -1.05
N GLY A 920 3.11 -16.17 -1.67
CA GLY A 920 3.55 -15.97 -3.05
C GLY A 920 5.07 -15.95 -3.19
N SER A 921 5.77 -16.09 -2.08
CA SER A 921 7.26 -16.17 -2.09
C SER A 921 7.80 -17.41 -2.81
N VAL A 922 6.91 -18.35 -3.12
CA VAL A 922 7.27 -19.48 -3.96
C VAL A 922 7.73 -19.00 -5.34
N GLY A 923 7.24 -17.82 -5.75
CA GLY A 923 7.53 -17.26 -7.05
C GLY A 923 9.01 -17.30 -7.41
N GLU A 924 9.85 -16.82 -6.51
CA GLU A 924 11.29 -16.73 -6.81
C GLU A 924 11.88 -18.09 -7.18
N TRP A 925 11.37 -19.16 -6.55
CA TRP A 925 11.82 -20.52 -6.91
C TRP A 925 11.45 -20.89 -8.35
N MET A 926 10.21 -20.62 -8.74
CA MET A 926 9.78 -20.84 -10.11
C MET A 926 10.63 -20.07 -11.12
N TYR A 927 10.95 -18.81 -10.79
CA TYR A 927 11.57 -17.95 -11.78
C TYR A 927 13.04 -18.36 -11.93
N ALA A 928 13.64 -18.74 -10.81
CA ALA A 928 15.05 -19.14 -10.80
C ALA A 928 15.25 -20.55 -11.36
N ASN A 929 14.30 -21.45 -11.10
CA ASN A 929 14.51 -22.87 -11.40
C ASN A 929 13.68 -23.46 -12.55
N ILE A 930 12.48 -22.93 -12.79
CA ILE A 930 11.70 -23.38 -13.94
C ILE A 930 12.01 -22.50 -15.15
N ALA A 931 11.91 -21.17 -14.97
CA ALA A 931 12.33 -20.23 -16.01
C ALA A 931 13.86 -20.25 -16.21
N GLY A 932 14.60 -20.60 -15.16
CA GLY A 932 16.06 -20.65 -15.24
C GLY A 932 16.69 -19.28 -15.36
N ILE A 933 16.22 -18.33 -14.55
CA ILE A 933 16.73 -16.96 -14.59
C ILE A 933 17.07 -16.51 -13.17
N ALA A 934 18.36 -16.38 -12.87
CA ALA A 934 18.82 -16.00 -11.53
C ALA A 934 20.10 -15.17 -11.63
N PRO A 935 20.37 -14.30 -10.65
CA PRO A 935 21.57 -13.46 -10.75
C PRO A 935 22.82 -14.19 -10.28
N GLY A 936 23.76 -14.45 -11.20
CA GLY A 936 25.11 -14.92 -10.84
C GLY A 936 25.94 -13.80 -10.17
N ARG A 937 25.77 -12.59 -10.66
CA ARG A 937 26.34 -11.42 -9.99
C ARG A 937 25.19 -10.45 -9.80
N ALA A 938 25.33 -9.56 -8.81
CA ALA A 938 24.25 -8.64 -8.45
C ALA A 938 23.75 -7.84 -9.64
N GLY A 939 22.43 -7.77 -9.79
CA GLY A 939 21.85 -7.00 -10.87
C GLY A 939 21.90 -7.67 -12.24
N TYR A 940 22.23 -8.96 -12.24
CA TYR A 940 22.26 -9.80 -13.45
C TYR A 940 23.38 -9.41 -14.42
N ARG A 941 24.44 -8.82 -13.87
CA ARG A 941 25.67 -8.57 -14.63
C ARG A 941 26.15 -9.91 -15.20
N GLN A 942 25.99 -10.97 -14.42
CA GLN A 942 26.04 -12.32 -14.92
C GLN A 942 24.68 -12.95 -14.62
N VAL A 943 24.12 -13.68 -15.57
CA VAL A 943 22.91 -14.44 -15.33
C VAL A 943 23.24 -15.93 -15.25
N VAL A 944 22.73 -16.61 -14.24
CA VAL A 944 22.82 -18.06 -14.21
C VAL A 944 21.53 -18.62 -14.83
N ILE A 945 21.70 -19.37 -15.92
CA ILE A 945 20.58 -19.96 -16.66
C ILE A 945 20.61 -21.46 -16.43
N ARG A 946 19.81 -21.90 -15.46
CA ARG A 946 19.77 -23.30 -15.09
C ARG A 946 18.33 -23.77 -14.94
N PRO A 947 17.62 -24.01 -16.07
CA PRO A 947 16.28 -24.57 -15.91
C PRO A 947 16.38 -26.02 -15.40
N ARG A 948 15.51 -26.39 -14.48
CA ARG A 948 15.50 -27.75 -13.98
C ARG A 948 14.19 -28.45 -14.33
N PRO A 949 14.07 -29.03 -15.55
CA PRO A 949 12.82 -29.73 -15.87
C PRO A 949 12.53 -30.80 -14.83
N GLY A 950 11.26 -31.04 -14.55
CA GLY A 950 10.87 -31.88 -13.42
C GLY A 950 9.37 -31.76 -13.20
N GLY A 951 8.84 -32.50 -12.24
CA GLY A 951 7.39 -32.54 -12.01
C GLY A 951 6.65 -32.70 -13.33
N GLU A 952 5.65 -31.84 -13.56
CA GLU A 952 4.83 -31.91 -14.79
C GLU A 952 5.32 -30.95 -15.85
N VAL A 953 6.41 -30.25 -15.57
CA VAL A 953 6.87 -29.20 -16.46
C VAL A 953 7.74 -29.74 -17.59
N THR A 954 7.24 -29.65 -18.82
CA THR A 954 8.02 -30.11 -19.98
C THR A 954 8.38 -28.98 -20.94
N SER A 955 7.89 -27.77 -20.61
CA SER A 955 7.98 -26.64 -21.50
C SER A 955 7.88 -25.40 -20.62
N ALA A 956 8.70 -24.39 -20.91
CA ALA A 956 8.61 -23.08 -20.22
C ALA A 956 9.21 -21.97 -21.05
N ARG A 957 8.66 -20.76 -20.89
CA ARG A 957 9.21 -19.58 -21.53
C ARG A 957 9.09 -18.42 -20.55
N ALA A 958 10.09 -17.55 -20.53
CA ALA A 958 10.10 -16.42 -19.60
C ALA A 958 10.89 -15.26 -20.17
N THR A 959 10.48 -14.04 -19.83
CA THR A 959 11.29 -12.84 -20.08
C THR A 959 11.32 -11.99 -18.81
N PHE A 960 12.54 -11.70 -18.35
CA PHE A 960 12.77 -10.81 -17.21
C PHE A 960 13.31 -9.48 -17.72
N ALA A 961 12.67 -8.37 -17.35
CA ALA A 961 13.11 -7.06 -17.78
C ALA A 961 14.14 -6.54 -16.77
N SER A 962 15.40 -6.95 -16.96
CA SER A 962 16.47 -6.52 -16.08
C SER A 962 16.88 -5.08 -16.40
N LEU A 963 17.63 -4.45 -15.52
CA LEU A 963 18.15 -3.09 -15.82
C LEU A 963 19.07 -3.03 -17.06
N HIS A 964 19.68 -4.17 -17.41
CA HIS A 964 20.53 -4.25 -18.63
C HIS A 964 19.73 -4.51 -19.91
N GLY A 965 18.43 -4.74 -19.76
CA GLY A 965 17.56 -5.12 -20.87
C GLY A 965 17.00 -6.53 -20.68
N PRO A 966 16.28 -7.05 -21.67
CA PRO A 966 15.58 -8.32 -21.48
C PRO A 966 16.50 -9.52 -21.36
N VAL A 967 16.18 -10.39 -20.40
CA VAL A 967 16.80 -11.69 -20.29
C VAL A 967 15.68 -12.69 -20.56
N SER A 968 15.82 -13.49 -21.61
CA SER A 968 14.74 -14.43 -22.00
C SER A 968 15.23 -15.86 -22.06
N THR A 969 14.32 -16.79 -21.75
CA THR A 969 14.58 -18.23 -21.85
C THR A 969 13.38 -18.91 -22.47
N ARG A 970 13.65 -19.98 -23.21
CA ARG A 970 12.61 -20.82 -23.74
C ARG A 970 13.21 -22.22 -23.83
N TRP A 971 12.55 -23.19 -23.21
CA TRP A 971 13.01 -24.57 -23.30
C TRP A 971 11.86 -25.57 -23.45
N GLN A 972 12.22 -26.76 -23.92
CA GLN A 972 11.23 -27.78 -24.21
C GLN A 972 11.90 -29.14 -24.19
N GLN A 973 11.28 -30.07 -23.48
CA GLN A 973 11.60 -31.49 -23.60
C GLN A 973 10.63 -32.13 -24.59
N ARG A 974 11.15 -32.74 -25.63
CA ARG A 974 10.32 -33.50 -26.56
C ARG A 974 11.09 -34.68 -27.15
N SER A 975 10.36 -35.76 -27.39
CA SER A 975 10.89 -37.07 -27.84
C SER A 975 12.32 -37.37 -27.42
N GLY A 976 12.57 -37.36 -26.11
CA GLY A 976 13.91 -37.65 -25.58
C GLY A 976 14.86 -36.47 -25.58
N GLY A 977 14.63 -35.52 -26.49
CA GLY A 977 15.49 -34.35 -26.66
C GLY A 977 15.26 -33.21 -25.69
N PHE A 978 16.03 -32.13 -25.87
CA PHE A 978 15.92 -30.91 -25.08
C PHE A 978 16.48 -29.78 -25.94
N VAL A 979 15.70 -28.70 -26.06
CA VAL A 979 16.22 -27.50 -26.68
C VAL A 979 16.00 -26.30 -25.74
N LEU A 980 17.05 -25.50 -25.57
CA LEU A 980 16.94 -24.24 -24.84
C LEU A 980 17.41 -23.10 -25.75
N THR A 981 16.62 -22.03 -25.83
CA THR A 981 17.07 -20.82 -26.46
C THR A 981 17.06 -19.74 -25.38
N CYS A 982 17.94 -18.77 -25.52
CA CYS A 982 17.95 -17.65 -24.58
C CYS A 982 18.49 -16.39 -25.24
N SER A 983 18.11 -15.25 -24.67
CA SER A 983 18.60 -13.95 -25.12
C SER A 983 19.23 -13.30 -23.88
N VAL A 984 20.50 -12.89 -24.03
CA VAL A 984 21.29 -12.33 -22.94
C VAL A 984 21.72 -10.93 -23.42
N PRO A 985 21.46 -9.86 -22.63
CA PRO A 985 21.72 -8.54 -23.21
C PRO A 985 23.21 -8.14 -23.25
N PRO A 986 23.59 -7.30 -24.24
CA PRO A 986 24.96 -6.78 -24.31
C PRO A 986 25.46 -6.29 -22.95
N ASN A 987 26.75 -6.48 -22.72
CA ASN A 987 27.38 -6.03 -21.47
C ASN A 987 27.05 -6.88 -20.25
N THR A 988 26.49 -8.06 -20.50
CA THR A 988 26.30 -9.07 -19.46
C THR A 988 26.78 -10.40 -20.04
N THR A 989 26.95 -11.39 -19.18
CA THR A 989 27.34 -12.73 -19.61
C THR A 989 26.42 -13.73 -18.91
N ALA A 990 26.50 -15.00 -19.29
CA ALA A 990 25.66 -16.04 -18.69
C ALA A 990 26.44 -17.29 -18.44
N GLU A 991 25.99 -18.06 -17.46
CA GLU A 991 26.44 -19.42 -17.23
C GLU A 991 25.23 -20.33 -17.44
N VAL A 992 25.31 -21.21 -18.43
CA VAL A 992 24.18 -21.99 -18.89
C VAL A 992 24.40 -23.47 -18.57
N TRP A 993 23.42 -24.07 -17.93
CA TRP A 993 23.44 -25.47 -17.53
C TRP A 993 22.44 -26.24 -18.36
N ILE A 994 22.90 -27.20 -19.16
CA ILE A 994 22.02 -28.00 -19.98
C ILE A 994 22.06 -29.45 -19.50
N PRO A 995 20.94 -29.95 -18.97
CA PRO A 995 20.94 -31.36 -18.54
C PRO A 995 21.19 -32.29 -19.70
N ALA A 996 22.09 -33.25 -19.51
CA ALA A 996 22.43 -34.21 -20.56
C ALA A 996 23.06 -35.47 -19.99
N ASP A 997 22.68 -36.62 -20.57
CA ASP A 997 23.33 -37.90 -20.26
C ASP A 997 24.79 -37.89 -20.69
N HIS A 998 25.07 -37.24 -21.82
CA HIS A 998 26.43 -37.07 -22.34
C HIS A 998 26.75 -35.58 -22.58
N PRO A 999 27.30 -34.91 -21.56
CA PRO A 999 27.59 -33.46 -21.62
C PRO A 999 28.31 -33.01 -22.89
N ASP A 1000 29.38 -33.71 -23.27
CA ASP A 1000 30.17 -33.35 -24.46
C ASP A 1000 29.41 -33.52 -25.79
N ARG A 1001 28.21 -34.06 -25.74
CA ARG A 1001 27.38 -34.21 -26.96
C ARG A 1001 26.43 -33.04 -27.22
N VAL A 1002 26.27 -32.15 -26.24
CA VAL A 1002 25.39 -30.99 -26.35
C VAL A 1002 25.83 -30.03 -27.45
N GLN A 1003 24.96 -29.83 -28.44
CA GLN A 1003 25.21 -28.90 -29.52
C GLN A 1003 24.88 -27.49 -29.02
N HIS A 1004 25.60 -26.49 -29.52
CA HIS A 1004 25.42 -25.11 -29.06
C HIS A 1004 25.95 -24.11 -30.08
N THR A 1005 25.12 -23.14 -30.48
CA THR A 1005 25.53 -22.14 -31.48
C THR A 1005 26.66 -21.21 -30.99
N HIS A 1006 26.64 -20.85 -29.71
CA HIS A 1006 27.58 -19.89 -29.12
C HIS A 1006 28.12 -20.39 -27.78
N GLY A 1007 29.19 -19.77 -27.30
CA GLY A 1007 29.70 -20.08 -25.97
C GLY A 1007 30.73 -21.17 -25.97
N THR A 1008 31.21 -21.48 -24.77
CA THR A 1008 32.29 -22.44 -24.56
C THR A 1008 31.84 -23.44 -23.52
N PHE A 1009 31.91 -24.72 -23.86
CA PHE A 1009 31.78 -25.79 -22.86
C PHE A 1009 32.92 -25.62 -21.86
N VAL A 1010 32.60 -25.49 -20.58
CA VAL A 1010 33.65 -25.39 -19.55
C VAL A 1010 33.77 -26.66 -18.69
N ARG A 1011 32.63 -27.31 -18.41
CA ARG A 1011 32.64 -28.50 -17.53
C ARG A 1011 31.32 -29.26 -17.52
N ALA A 1012 31.39 -30.51 -17.06
CA ALA A 1012 30.22 -31.29 -16.69
C ALA A 1012 30.05 -31.22 -15.17
N GLU A 1013 28.86 -30.85 -14.73
CA GLU A 1013 28.53 -30.82 -13.31
C GLU A 1013 27.06 -31.18 -13.11
N ASP A 1014 26.77 -31.94 -12.04
CA ASP A 1014 25.40 -32.31 -11.64
C ASP A 1014 24.53 -32.79 -12.82
N GLY A 1015 25.14 -33.51 -13.75
CA GLY A 1015 24.41 -34.09 -14.89
C GLY A 1015 24.12 -33.09 -16.01
N CYS A 1016 24.89 -31.99 -16.02
CA CYS A 1016 24.74 -30.92 -17.01
C CYS A 1016 26.05 -30.59 -17.71
N ALA A 1017 25.92 -30.21 -18.98
CA ALA A 1017 26.97 -29.45 -19.65
C ALA A 1017 26.84 -28.02 -19.13
N VAL A 1018 27.95 -27.45 -18.66
CA VAL A 1018 28.00 -26.06 -18.22
C VAL A 1018 28.72 -25.24 -19.28
N PHE A 1019 28.09 -24.14 -19.71
CA PHE A 1019 28.66 -23.25 -20.72
C PHE A 1019 28.81 -21.84 -20.17
N GLU A 1020 29.89 -21.16 -20.56
CA GLU A 1020 30.01 -19.73 -20.33
C GLU A 1020 29.80 -19.03 -21.66
N VAL A 1021 28.95 -18.02 -21.69
CA VAL A 1021 28.61 -17.36 -22.95
C VAL A 1021 28.43 -15.86 -22.71
N GLY A 1022 28.71 -15.06 -23.74
CA GLY A 1022 28.50 -13.62 -23.67
C GLY A 1022 27.07 -13.30 -24.07
N SER A 1023 26.84 -12.05 -24.47
CA SER A 1023 25.51 -11.59 -24.87
C SER A 1023 25.06 -12.25 -26.17
N GLY A 1024 23.77 -12.16 -26.45
CA GLY A 1024 23.25 -12.60 -27.75
C GLY A 1024 22.09 -13.57 -27.68
N SER A 1025 21.73 -14.10 -28.85
CA SER A 1025 20.66 -15.07 -28.97
C SER A 1025 21.31 -16.43 -29.13
N HIS A 1026 21.17 -17.28 -28.12
CA HIS A 1026 21.85 -18.58 -28.10
C HIS A 1026 20.88 -19.73 -28.19
N ARG A 1027 21.40 -20.89 -28.64
CA ARG A 1027 20.63 -22.12 -28.75
C ARG A 1027 21.45 -23.28 -28.24
N PHE A 1028 20.80 -24.17 -27.48
CA PHE A 1028 21.44 -25.39 -26.99
C PHE A 1028 20.50 -26.55 -27.28
N THR A 1029 21.06 -27.62 -27.86
CA THR A 1029 20.26 -28.79 -28.28
C THR A 1029 20.90 -30.08 -27.79
N VAL A 1030 20.09 -30.95 -27.20
CA VAL A 1030 20.51 -32.32 -26.92
C VAL A 1030 19.54 -33.25 -27.65
N LYS A 1031 20.09 -34.14 -28.48
CA LYS A 1031 19.25 -35.13 -29.20
C LYS A 1031 19.61 -36.55 -28.79
CA CA B . -21.17 2.30 31.94
C1 RAM C . -0.86 -9.97 10.83
C2 RAM C . -0.39 -9.08 9.67
C3 RAM C . 0.91 -9.59 9.02
C4 RAM C . 1.85 -10.39 9.95
C5 RAM C . 1.56 -9.99 11.38
C6 RAM C . 2.53 -10.73 12.29
O1 RAM C . -1.76 -9.28 11.70
O2 RAM C . -1.50 -8.94 8.73
O3 RAM C . 0.62 -10.52 7.99
O4 RAM C . 3.25 -10.14 9.69
O5 RAM C . 0.22 -10.39 11.67
C1 RAM D . -15.69 1.73 30.26
C2 RAM D . -17.08 1.13 29.99
C3 RAM D . -18.07 1.58 31.08
C4 RAM D . -18.11 3.10 31.21
C5 RAM D . -16.70 3.64 31.49
C6 RAM D . -16.65 5.17 31.46
O1 RAM D . -15.12 1.08 31.40
O2 RAM D . -17.49 1.59 28.70
O3 RAM D . -19.42 1.11 30.91
O4 RAM D . -19.09 3.37 32.24
O5 RAM D . -15.75 3.15 30.51
C1 RAM E . 0.32 -7.73 -15.76
C2 RAM E . -0.50 -6.82 -16.66
C3 RAM E . -1.13 -7.64 -17.78
C4 RAM E . -1.96 -8.79 -17.18
C5 RAM E . -1.11 -9.65 -16.24
C6 RAM E . -1.90 -10.72 -15.49
O1 RAM E . 1.45 -8.23 -16.50
O2 RAM E . -1.55 -6.21 -15.89
O3 RAM E . -1.94 -6.73 -18.54
O4 RAM E . -2.51 -9.60 -18.22
O5 RAM E . -0.47 -8.82 -15.26
C1 RAM F . -48.88 18.78 26.33
C2 RAM F . -48.34 17.36 26.63
C3 RAM F . -47.52 17.03 25.38
C4 RAM F . -46.33 17.99 25.21
C5 RAM F . -46.82 19.45 25.16
C6 RAM F . -45.67 20.46 25.23
O1 RAM F . -49.66 18.89 25.12
O2 RAM F . -47.61 17.61 27.85
O3 RAM F . -47.11 15.67 25.30
O4 RAM F . -45.57 17.61 24.05
O5 RAM F . -47.78 19.72 26.22
C1 RAM G . 1.86 8.87 17.67
C2 RAM G . 1.94 7.45 18.20
C3 RAM G . 0.84 6.58 17.58
C4 RAM G . 0.87 6.65 16.05
C5 RAM G . 0.92 8.11 15.56
C6 RAM G . 1.22 8.20 14.07
O1 RAM G . 0.63 9.51 18.09
O2 RAM G . 3.23 6.92 17.87
O3 RAM G . 0.97 5.21 18.00
O4 RAM G . -0.28 5.95 15.53
O5 RAM G . 1.94 8.86 16.24
C1 MPD H . -12.40 -18.02 -3.86
C2 MPD H . -13.80 -17.77 -4.43
O2 MPD H . -14.07 -16.36 -4.46
CM MPD H . -13.85 -18.27 -5.87
C3 MPD H . -14.85 -18.51 -3.60
C4 MPD H . -15.40 -17.73 -2.42
O4 MPD H . -16.24 -16.67 -2.91
C5 MPD H . -16.17 -18.63 -1.46
C1 MPD I . 5.22 -22.61 -22.32
C2 MPD I . 4.99 -22.92 -23.79
O2 MPD I . 4.90 -24.35 -23.90
CM MPD I . 3.68 -22.34 -24.27
C3 MPD I . 6.13 -22.36 -24.64
C4 MPD I . 7.24 -23.35 -25.01
O4 MPD I . 7.54 -23.26 -26.40
C5 MPD I . 8.52 -23.05 -24.26
C1 MPD J . 30.50 -13.83 6.77
C2 MPD J . 30.26 -13.51 5.31
O2 MPD J . 29.41 -14.50 4.71
CM MPD J . 29.56 -12.19 5.22
C3 MPD J . 31.58 -13.48 4.53
C4 MPD J . 31.34 -13.03 3.10
O4 MPD J . 31.95 -11.73 2.91
C5 MPD J . 31.87 -14.05 2.09
NA NA K . -47.41 15.23 27.65
NA NA L . 26.57 0.54 -11.63
NA NA M . 7.82 12.88 -10.39
#